data_7MYT
#
_entry.id   7MYT
#
_cell.length_a   52.949
_cell.length_b   64.475
_cell.length_c   72.792
_cell.angle_alpha   94.406
_cell.angle_beta   97.125
_cell.angle_gamma   93.311
#
_symmetry.space_group_name_H-M   'P 1'
#
loop_
_entity.id
_entity.type
_entity.pdbx_description
1 polymer 'B25.M05 Fab Heavy Chain'
2 polymer 'B25.M05 Fab Light Chain'
3 water water
#
loop_
_entity_poly.entity_id
_entity_poly.type
_entity_poly.pdbx_seq_one_letter_code
_entity_poly.pdbx_strand_id
1 'polypeptide(L)'
;MKHLWFFLLLVAAPRWVLSQVQLQQWGAGLLKPSETLSLTCAVNGGSFSIYYWSWIRQPPGKGLDWIGEINQSGSTNYNP
SLKSRVTMSVDTSKSQFSLRMTSVTAADTAIYYCARAPRIRWGSYRLKQTNFDSWGQGTLVTVFNQIKGPSVFPLAPSSK
STSGGTAALGCLVKDYFPEPVTVSWNSGALTSGVHTFPAVLQSSGLYSLSSVVTVPSSSLGTQTYICNVNHKPSNTKVDK
RVEPKSCDKTSGRHHHHHHGLNDIFEAQKIEWHE
;
A,H
2 'polypeptide(L)'
;MAWALLLLTLLTQGTGSWAQSALTQPASVSGSPGQSITISCTGTSNDVGDYDYVSWYQLHPGKAPKLLIFDVSRRPSGVS
DRFSGSKSGDTASLTISGLQAEDEADYYCSSYTGSSTYVFGTGTKVSVLSQPKANPTVTLFPPSSEELQANKATLVCLIS
DFYPGAVTVAWKADSSPVKAGVETTTPSKQSNNKYAASSYLSLTPEQWKSHRSYSCQVTHEGSTVEKTVAPTECS
;
B,L
#
# COMPACT_ATOMS: atom_id res chain seq x y z
N GLN A 20 11.72 -5.76 -4.35
CA GLN A 20 12.96 -6.26 -3.77
C GLN A 20 14.09 -6.58 -4.78
N VAL A 21 15.24 -7.01 -4.26
CA VAL A 21 16.39 -7.35 -5.11
C VAL A 21 16.86 -8.79 -4.89
N GLN A 22 17.91 -9.15 -5.65
CA GLN A 22 18.54 -10.46 -5.60
C GLN A 22 19.95 -10.28 -5.05
N LEU A 23 20.23 -10.96 -3.96
CA LEU A 23 21.51 -10.90 -3.28
C LEU A 23 22.25 -12.21 -3.56
N GLN A 24 23.48 -12.07 -4.03
CA GLN A 24 24.41 -13.17 -4.23
C GLN A 24 25.57 -13.00 -3.24
N GLN A 25 25.90 -14.07 -2.53
CA GLN A 25 26.88 -13.94 -1.46
C GLN A 25 27.90 -15.07 -1.49
N TRP A 26 29.12 -14.74 -1.07
CA TRP A 26 30.21 -15.71 -1.07
C TRP A 26 31.26 -15.33 -0.03
N GLY A 27 32.27 -16.17 0.07
CA GLY A 27 33.33 -15.98 1.05
C GLY A 27 33.65 -17.30 1.73
N ALA A 28 34.87 -17.40 2.22
CA ALA A 28 35.31 -18.64 2.85
C ALA A 28 34.53 -18.91 4.13
N GLY A 29 33.92 -20.10 4.22
CA GLY A 29 33.18 -20.51 5.38
C GLY A 29 33.85 -21.49 6.34
N LEU A 30 35.06 -21.95 6.06
CA LEU A 30 35.79 -22.87 6.95
C LEU A 30 36.92 -22.08 7.61
N LEU A 31 36.79 -21.82 8.91
CA LEU A 31 37.72 -20.96 9.63
C LEU A 31 38.28 -21.68 10.86
N LYS A 32 39.40 -21.17 11.38
CA LYS A 32 39.96 -21.67 12.63
C LYS A 32 39.86 -20.56 13.68
N PRO A 33 39.83 -20.91 14.96
CA PRO A 33 39.68 -19.88 16.00
C PRO A 33 40.72 -18.78 15.83
N SER A 34 40.28 -17.56 16.04
CA SER A 34 41.06 -16.32 16.03
C SER A 34 41.16 -15.73 14.61
N GLU A 35 40.68 -16.42 13.59
CA GLU A 35 40.78 -15.90 12.22
C GLU A 35 39.65 -14.90 11.93
N THR A 36 39.66 -14.34 10.72
CA THR A 36 38.72 -13.31 10.29
C THR A 36 37.75 -13.86 9.25
N LEU A 37 36.46 -13.83 9.59
CA LEU A 37 35.42 -14.08 8.62
C LEU A 37 35.36 -12.89 7.69
N SER A 38 35.32 -13.17 6.39
CA SER A 38 35.16 -12.13 5.39
C SER A 38 34.16 -12.64 4.35
N LEU A 39 32.96 -12.07 4.35
CA LEU A 39 31.90 -12.45 3.43
C LEU A 39 31.55 -11.24 2.55
N THR A 40 30.99 -11.52 1.38
CA THR A 40 30.64 -10.50 0.40
C THR A 40 29.28 -10.79 -0.17
N CYS A 41 28.51 -9.72 -0.41
CA CYS A 41 27.19 -9.83 -1.02
C CYS A 41 27.16 -8.89 -2.22
N ALA A 42 26.56 -9.34 -3.32
CA ALA A 42 26.45 -8.55 -4.54
C ALA A 42 25.00 -8.27 -4.89
N VAL A 43 24.69 -7.02 -5.24
CA VAL A 43 23.31 -6.62 -5.51
C VAL A 43 23.04 -6.75 -7.00
N ASN A 44 21.98 -7.48 -7.37
CA ASN A 44 21.52 -7.62 -8.75
C ASN A 44 20.04 -7.25 -8.77
N GLY A 45 19.62 -6.46 -9.78
CA GLY A 45 18.22 -6.09 -9.87
C GLY A 45 17.85 -4.86 -9.05
N GLY A 46 18.81 -3.99 -8.82
CA GLY A 46 18.56 -2.75 -8.11
C GLY A 46 19.90 -2.15 -7.72
N SER A 47 19.83 -1.14 -6.86
CA SER A 47 21.04 -0.51 -6.37
C SER A 47 20.90 -0.14 -4.89
N PHE A 48 22.02 0.31 -4.31
CA PHE A 48 22.05 0.65 -2.87
C PHE A 48 21.00 1.69 -2.54
N SER A 49 20.82 2.68 -3.41
CA SER A 49 19.81 3.72 -3.23
C SER A 49 19.92 4.32 -1.86
N ILE A 50 18.78 4.53 -1.21
CA ILE A 50 18.74 5.17 0.09
C ILE A 50 18.71 4.13 1.22
N TYR A 51 18.94 2.88 0.90
CA TYR A 51 18.56 1.82 1.82
C TYR A 51 19.73 1.41 2.71
N TYR A 52 19.42 0.60 3.73
CA TYR A 52 20.50 -0.05 4.46
C TYR A 52 20.65 -1.51 4.01
N TRP A 53 21.86 -2.02 4.23
CA TRP A 53 22.24 -3.35 3.78
C TRP A 53 22.88 -4.10 4.92
N SER A 54 22.43 -5.32 5.15
CA SER A 54 22.59 -5.91 6.45
C SER A 54 23.14 -7.33 6.39
N TRP A 55 23.69 -7.75 7.52
CA TRP A 55 24.18 -9.11 7.72
C TRP A 55 23.45 -9.65 8.95
N ILE A 56 22.96 -10.89 8.83
CA ILE A 56 22.19 -11.58 9.86
C ILE A 56 22.71 -13.01 9.96
N ARG A 57 22.71 -13.59 11.16
CA ARG A 57 23.14 -14.99 11.23
C ARG A 57 22.15 -15.84 12.01
N GLN A 58 22.23 -17.13 11.72
CA GLN A 58 21.40 -18.16 12.34
C GLN A 58 22.30 -19.27 12.86
N PRO A 59 22.62 -19.28 14.16
CA PRO A 59 23.45 -20.36 14.72
C PRO A 59 22.62 -21.62 14.89
N PRO A 60 23.23 -22.80 14.82
CA PRO A 60 22.42 -24.04 14.72
C PRO A 60 21.42 -24.23 15.85
N GLY A 61 21.74 -23.76 17.06
CA GLY A 61 20.80 -23.76 18.16
C GLY A 61 19.80 -22.62 18.19
N LYS A 62 20.38 -21.43 18.12
CA LYS A 62 19.69 -20.21 18.42
C LYS A 62 18.93 -19.78 17.20
N GLY A 63 18.15 -18.75 17.43
CA GLY A 63 17.38 -18.06 16.43
C GLY A 63 18.26 -17.10 15.65
N LEU A 64 17.69 -16.03 15.10
CA LEU A 64 18.43 -15.10 14.27
C LEU A 64 19.10 -14.04 15.13
N ASP A 65 20.32 -13.64 14.72
CA ASP A 65 21.05 -12.54 15.33
C ASP A 65 21.24 -11.47 14.27
N TRP A 66 20.85 -10.24 14.57
CA TRP A 66 21.14 -9.13 13.69
C TRP A 66 22.58 -8.70 13.92
N ILE A 67 23.38 -8.67 12.86
CA ILE A 67 24.80 -8.37 13.05
C ILE A 67 25.08 -6.88 12.87
N GLY A 68 24.54 -6.26 11.82
CA GLY A 68 24.61 -4.83 11.64
C GLY A 68 24.16 -4.43 10.24
N GLU A 69 24.46 -3.18 9.89
CA GLU A 69 23.98 -2.63 8.62
C GLU A 69 24.92 -1.53 8.13
N ILE A 70 24.74 -1.17 6.87
CA ILE A 70 25.57 -0.16 6.22
C ILE A 70 24.74 0.43 5.09
N ASN A 71 24.88 1.73 4.85
CA ASN A 71 24.29 2.37 3.67
C ASN A 71 25.38 2.75 2.69
N GLN A 72 25.00 3.26 1.51
CA GLN A 72 26.01 3.47 0.47
C GLN A 72 26.99 4.60 0.80
N SER A 73 26.63 5.49 1.71
CA SER A 73 27.55 6.52 2.17
C SER A 73 28.47 6.05 3.32
N GLY A 74 28.34 4.82 3.79
CA GLY A 74 29.26 4.27 4.77
C GLY A 74 28.82 4.37 6.21
N SER A 75 27.64 4.94 6.47
CA SER A 75 27.07 4.93 7.80
C SER A 75 26.77 3.48 8.21
N THR A 76 27.21 3.11 9.41
CA THR A 76 27.01 1.77 9.91
C THR A 76 26.34 1.82 11.28
N ASN A 77 25.56 0.79 11.57
CA ASN A 77 25.01 0.51 12.90
C ASN A 77 25.21 -0.97 13.18
N TYR A 78 25.70 -1.31 14.37
CA TYR A 78 26.11 -2.68 14.67
C TYR A 78 25.41 -3.22 15.90
N ASN A 79 25.30 -4.54 15.93
CA ASN A 79 24.81 -5.22 17.12
C ASN A 79 25.71 -4.92 18.31
N PRO A 80 25.16 -4.44 19.43
CA PRO A 80 26.01 -4.11 20.59
C PRO A 80 26.91 -5.26 21.11
N SER A 81 26.52 -6.51 20.97
CA SER A 81 27.36 -7.58 21.48
C SER A 81 28.42 -8.02 20.47
N LEU A 82 28.34 -7.57 19.23
CA LEU A 82 29.30 -7.96 18.20
C LEU A 82 30.15 -6.82 17.67
N LYS A 83 29.86 -5.58 18.07
CA LYS A 83 30.54 -4.47 17.39
C LYS A 83 32.04 -4.43 17.67
N SER A 84 32.51 -5.00 18.78
CA SER A 84 33.96 -4.98 19.01
C SER A 84 34.71 -5.69 17.89
N ARG A 85 34.09 -6.68 17.26
CA ARG A 85 34.77 -7.48 16.26
C ARG A 85 34.28 -7.28 14.83
N VAL A 86 33.23 -6.52 14.60
CA VAL A 86 32.58 -6.47 13.30
C VAL A 86 32.84 -5.11 12.63
N THR A 87 33.14 -5.15 11.33
CA THR A 87 33.11 -3.94 10.51
C THR A 87 32.57 -4.31 9.14
N MET A 88 31.77 -3.41 8.57
CA MET A 88 31.20 -3.59 7.25
C MET A 88 31.74 -2.53 6.30
N SER A 89 31.82 -2.89 5.04
CA SER A 89 32.30 -2.00 4.00
C SER A 89 31.33 -2.07 2.81
N VAL A 90 31.42 -1.07 1.94
CA VAL A 90 30.59 -1.01 0.76
C VAL A 90 31.47 -0.62 -0.41
N ASP A 91 31.18 -1.18 -1.56
CA ASP A 91 31.88 -0.85 -2.80
C ASP A 91 30.79 -0.43 -3.80
N THR A 92 30.55 0.88 -3.86
CA THR A 92 29.51 1.43 -4.74
C THR A 92 29.76 1.03 -6.18
N SER A 93 31.01 1.16 -6.65
CA SER A 93 31.37 0.84 -8.03
C SER A 93 30.96 -0.57 -8.43
N LYS A 94 31.12 -1.54 -7.52
CA LYS A 94 30.78 -2.92 -7.82
C LYS A 94 29.37 -3.30 -7.39
N SER A 95 28.68 -2.46 -6.63
CA SER A 95 27.41 -2.84 -6.00
C SER A 95 27.60 -4.06 -5.11
N GLN A 96 28.57 -3.96 -4.20
CA GLN A 96 28.90 -5.02 -3.25
C GLN A 96 29.06 -4.43 -1.87
N PHE A 97 28.61 -5.16 -0.85
CA PHE A 97 28.92 -4.82 0.53
C PHE A 97 29.46 -6.08 1.24
N SER A 98 30.21 -5.82 2.31
CA SER A 98 31.02 -6.85 2.94
C SER A 98 30.87 -6.83 4.46
N LEU A 99 31.10 -8.01 5.04
CA LEU A 99 31.19 -8.25 6.49
C LEU A 99 32.59 -8.75 6.80
N ARG A 100 33.26 -8.08 7.75
CA ARG A 100 34.46 -8.63 8.41
C ARG A 100 34.21 -8.81 9.90
N MET A 101 34.49 -10.01 10.41
CA MET A 101 34.38 -10.32 11.82
C MET A 101 35.67 -10.99 12.25
N THR A 102 36.43 -10.31 13.09
CA THR A 102 37.72 -10.76 13.56
C THR A 102 37.57 -11.69 14.77
N SER A 103 38.67 -12.37 15.11
CA SER A 103 38.81 -13.23 16.29
C SER A 103 37.60 -14.14 16.49
N VAL A 104 37.29 -14.93 15.45
CA VAL A 104 36.13 -15.81 15.55
C VAL A 104 36.39 -16.95 16.56
N THR A 105 35.31 -17.51 17.08
CA THR A 105 35.35 -18.73 17.85
C THR A 105 34.16 -19.57 17.39
N ALA A 106 34.03 -20.76 17.98
CA ALA A 106 32.92 -21.62 17.62
C ALA A 106 31.58 -21.00 17.97
N ALA A 107 31.57 -19.96 18.78
CA ALA A 107 30.32 -19.23 19.03
C ALA A 107 29.86 -18.45 17.80
N ASP A 108 30.74 -18.28 16.80
CA ASP A 108 30.33 -17.60 15.57
C ASP A 108 29.89 -18.57 14.48
N THR A 109 29.84 -19.87 14.77
CA THR A 109 29.42 -20.85 13.77
C THR A 109 27.94 -20.69 13.48
N ALA A 110 27.59 -20.59 12.21
CA ALA A 110 26.24 -20.19 11.85
C ALA A 110 26.12 -20.10 10.34
N ILE A 111 24.88 -20.03 9.88
CA ILE A 111 24.61 -19.58 8.51
C ILE A 111 24.53 -18.05 8.53
N TYR A 112 25.34 -17.40 7.69
CA TYR A 112 25.35 -15.94 7.55
C TYR A 112 24.60 -15.56 6.30
N TYR A 113 23.58 -14.71 6.47
CA TYR A 113 22.76 -14.20 5.38
C TYR A 113 23.03 -12.71 5.21
N CYS A 114 23.05 -12.25 3.94
CA CYS A 114 22.85 -10.82 3.72
C CYS A 114 21.41 -10.55 3.26
N ALA A 115 21.01 -9.32 3.45
CA ALA A 115 19.64 -8.87 3.23
C ALA A 115 19.58 -7.36 3.12
N ARG A 116 18.47 -6.88 2.56
CA ARG A 116 18.16 -5.45 2.47
C ARG A 116 17.22 -5.02 3.60
N ALA A 117 17.47 -3.82 4.12
CA ALA A 117 16.70 -3.20 5.20
C ALA A 117 16.25 -1.87 4.58
N PRO A 118 15.12 -1.87 3.84
CA PRO A 118 14.71 -0.74 3.00
C PRO A 118 13.91 0.35 3.77
N ARG A 119 14.39 0.69 4.97
CA ARG A 119 13.79 1.75 5.79
C ARG A 119 13.64 3.02 4.96
N ILE A 120 12.50 3.70 5.15
CA ILE A 120 12.28 5.02 4.57
C ILE A 120 11.56 5.91 5.57
N ARG A 121 11.86 7.21 5.49
CA ARG A 121 11.10 8.20 6.25
C ARG A 121 9.82 8.58 5.51
N TRP A 122 8.75 8.78 6.29
CA TRP A 122 7.48 9.20 5.72
C TRP A 122 7.19 10.67 5.96
N GLY A 123 7.45 11.20 7.14
CA GLY A 123 7.42 12.64 7.30
C GLY A 123 8.67 13.15 7.99
N SER A 124 8.63 13.21 9.36
CA SER A 124 9.76 13.63 10.20
C SER A 124 10.01 12.66 11.35
N TYR A 125 8.98 12.00 11.86
CA TYR A 125 9.06 11.14 13.02
C TYR A 125 8.74 9.70 12.68
N ARG A 126 8.54 9.42 11.40
CA ARG A 126 7.80 8.25 10.95
C ARG A 126 8.65 7.44 10.00
N LEU A 127 9.05 6.24 10.43
CA LEU A 127 9.75 5.30 9.57
C LEU A 127 8.82 4.18 9.10
N LYS A 128 9.01 3.73 7.85
CA LYS A 128 8.25 2.61 7.31
C LYS A 128 9.21 1.62 6.64
N GLN A 129 8.68 0.46 6.26
CA GLN A 129 9.49 -0.62 5.71
C GLN A 129 10.71 -0.87 6.63
N THR A 130 10.40 -1.07 7.92
CA THR A 130 11.38 -1.42 8.94
C THR A 130 11.69 -2.91 8.98
N ASN A 131 11.63 -3.60 7.85
CA ASN A 131 11.70 -5.05 7.73
C ASN A 131 12.96 -5.38 6.96
N PHE A 132 13.20 -6.67 6.71
CA PHE A 132 14.30 -7.14 5.89
C PHE A 132 13.64 -7.78 4.69
N ASP A 133 14.26 -7.74 3.52
CA ASP A 133 13.55 -8.38 2.43
C ASP A 133 14.37 -9.02 1.33
N SER A 134 15.68 -8.88 1.24
CA SER A 134 16.15 -9.41 -0.06
C SER A 134 17.10 -10.58 0.13
N TRP A 135 16.68 -11.43 1.04
CA TRP A 135 17.57 -12.30 1.76
C TRP A 135 18.42 -13.11 0.80
N GLY A 136 19.74 -13.02 0.95
CA GLY A 136 20.62 -13.96 0.26
C GLY A 136 20.36 -15.40 0.70
N GLN A 137 21.05 -16.33 0.04
CA GLN A 137 20.77 -17.74 0.31
C GLN A 137 21.55 -18.27 1.50
N GLY A 138 22.54 -17.53 1.99
CA GLY A 138 23.25 -17.91 3.19
C GLY A 138 24.60 -18.51 2.90
N THR A 139 25.53 -18.31 3.82
CA THR A 139 26.85 -18.95 3.78
C THR A 139 27.03 -19.68 5.11
N LEU A 140 27.32 -20.96 5.03
CA LEU A 140 27.53 -21.78 6.22
C LEU A 140 28.96 -21.61 6.71
N VAL A 141 29.12 -21.12 7.93
CA VAL A 141 30.46 -20.92 8.50
C VAL A 141 30.64 -21.83 9.69
N THR A 142 31.71 -22.63 9.66
CA THR A 142 32.09 -23.41 10.84
C THR A 142 33.46 -22.98 11.32
N VAL A 143 33.69 -23.08 12.62
CA VAL A 143 34.94 -22.64 13.24
C VAL A 143 35.46 -23.76 14.13
N PHE A 144 36.60 -24.35 13.76
CA PHE A 144 37.29 -25.22 14.68
C PHE A 144 38.74 -25.38 14.23
N ASN A 145 39.53 -25.96 15.15
CA ASN A 145 40.99 -25.92 15.10
C ASN A 145 41.58 -26.93 14.09
N GLN A 146 41.10 -28.18 14.11
CA GLN A 146 41.74 -29.27 13.36
C GLN A 146 40.74 -30.40 13.10
N ILE A 147 41.09 -31.26 12.15
CA ILE A 147 40.33 -32.50 12.01
C ILE A 147 40.50 -33.34 13.29
N LYS A 148 39.42 -33.97 13.75
CA LYS A 148 39.52 -34.77 14.98
C LYS A 148 38.51 -35.91 15.00
N GLY A 149 39.00 -37.12 15.31
CA GLY A 149 38.17 -38.30 15.22
C GLY A 149 37.36 -38.48 16.48
N PRO A 150 36.29 -39.26 16.44
CA PRO A 150 35.39 -39.35 17.59
C PRO A 150 35.95 -40.25 18.68
N SER A 151 35.45 -40.05 19.90
CA SER A 151 35.51 -41.04 20.97
C SER A 151 34.18 -41.78 20.97
N VAL A 152 34.23 -43.10 21.02
CA VAL A 152 33.04 -43.95 20.89
C VAL A 152 32.79 -44.67 22.21
N PHE A 153 31.56 -44.57 22.71
CA PHE A 153 31.19 -45.27 23.93
C PHE A 153 29.89 -46.04 23.75
N PRO A 154 29.70 -47.11 24.49
CA PRO A 154 28.45 -47.88 24.37
C PRO A 154 27.35 -47.20 25.16
N LEU A 155 26.11 -47.44 24.74
CA LEU A 155 24.89 -47.01 25.40
C LEU A 155 24.20 -48.34 25.68
N ALA A 156 24.49 -48.93 26.84
CA ALA A 156 23.98 -50.26 27.13
C ALA A 156 22.45 -50.28 27.14
N PRO A 157 21.86 -51.40 26.74
CA PRO A 157 20.40 -51.47 26.64
C PRO A 157 19.69 -51.00 27.90
N SER A 158 18.79 -50.05 27.68
CA SER A 158 17.70 -49.71 28.56
C SER A 158 16.44 -50.29 27.92
N SER A 159 15.47 -50.65 28.76
CA SER A 159 14.34 -51.47 28.36
C SER A 159 13.07 -50.67 28.48
N LYS A 160 12.90 -49.63 27.64
CA LYS A 160 11.82 -48.66 27.86
C LYS A 160 10.66 -48.82 26.88
N SER A 161 10.18 -50.05 26.67
CA SER A 161 8.78 -50.23 26.32
C SER A 161 8.33 -51.57 26.89
N THR A 162 7.67 -51.53 28.05
CA THR A 162 7.22 -52.75 28.70
C THR A 162 6.13 -53.43 27.90
N SER A 163 5.14 -52.64 27.45
CA SER A 163 4.06 -53.18 26.63
C SER A 163 4.64 -53.96 25.46
N GLY A 164 5.49 -53.33 24.68
CA GLY A 164 6.08 -53.94 23.51
C GLY A 164 7.26 -54.86 23.74
N GLY A 165 7.69 -55.08 24.99
CA GLY A 165 8.84 -55.94 25.27
C GLY A 165 10.07 -55.64 24.43
N THR A 166 10.38 -54.36 24.26
CA THR A 166 11.44 -53.87 23.41
C THR A 166 12.44 -53.12 24.28
N ALA A 167 13.70 -53.13 23.85
CA ALA A 167 14.76 -52.35 24.46
C ALA A 167 15.40 -51.45 23.41
N ALA A 168 16.15 -50.44 23.89
CA ALA A 168 16.98 -49.57 23.05
C ALA A 168 18.42 -49.67 23.53
N LEU A 169 19.34 -49.77 22.59
CA LEU A 169 20.77 -49.83 22.83
C LEU A 169 21.41 -49.01 21.74
N GLY A 170 22.66 -48.62 21.93
CA GLY A 170 23.23 -47.72 20.97
C GLY A 170 24.70 -47.46 21.21
N CYS A 171 25.20 -46.45 20.49
CA CYS A 171 26.56 -45.97 20.56
C CYS A 171 26.56 -44.45 20.56
N LEU A 172 27.35 -43.89 21.46
CA LEU A 172 27.58 -42.46 21.53
C LEU A 172 28.87 -42.16 20.78
N VAL A 173 28.79 -41.31 19.77
CA VAL A 173 29.92 -40.93 18.94
C VAL A 173 30.25 -39.48 19.27
N LYS A 174 31.31 -39.27 20.03
CA LYS A 174 31.52 -38.00 20.72
C LYS A 174 32.75 -37.25 20.22
N ASP A 175 32.59 -35.92 20.15
CA ASP A 175 33.65 -34.92 20.01
C ASP A 175 34.51 -35.11 18.77
N TYR A 176 33.87 -35.01 17.59
CA TYR A 176 34.60 -35.12 16.33
C TYR A 176 34.40 -33.88 15.45
N PHE A 177 35.32 -33.71 14.50
CA PHE A 177 35.23 -32.65 13.51
C PHE A 177 36.00 -33.04 12.25
N PRO A 178 35.49 -32.71 11.03
CA PRO A 178 34.23 -32.07 10.67
C PRO A 178 33.19 -33.15 10.46
N GLU A 179 31.96 -32.79 10.09
CA GLU A 179 31.04 -33.80 9.64
C GLU A 179 31.56 -34.38 8.34
N PRO A 180 31.07 -35.56 7.91
CA PRO A 180 30.09 -36.44 8.55
C PRO A 180 30.70 -37.67 9.22
N VAL A 181 29.86 -38.44 9.93
CA VAL A 181 30.22 -39.73 10.50
C VAL A 181 29.18 -40.72 10.00
N THR A 182 29.61 -41.93 9.70
CA THR A 182 28.69 -42.98 9.28
C THR A 182 28.76 -44.09 10.31
N VAL A 183 27.61 -44.61 10.73
CA VAL A 183 27.55 -45.69 11.69
C VAL A 183 26.84 -46.87 11.01
N SER A 184 27.48 -48.03 11.03
CA SER A 184 26.80 -49.27 10.69
C SER A 184 26.69 -50.09 11.97
N TRP A 185 25.90 -51.14 11.90
CA TRP A 185 25.80 -52.12 12.97
C TRP A 185 26.11 -53.51 12.42
N ASN A 186 26.91 -54.26 13.16
CA ASN A 186 27.23 -55.63 12.80
C ASN A 186 27.75 -55.71 11.37
N SER A 187 28.70 -54.81 11.06
CA SER A 187 29.36 -54.72 9.76
C SER A 187 28.36 -54.58 8.62
N GLY A 188 27.19 -53.99 8.88
CA GLY A 188 26.20 -53.74 7.86
C GLY A 188 25.09 -54.78 7.77
N ALA A 189 25.19 -55.88 8.50
CA ALA A 189 24.12 -56.87 8.49
C ALA A 189 22.88 -56.38 9.23
N LEU A 190 23.05 -55.53 10.23
CA LEU A 190 21.93 -55.03 11.02
C LEU A 190 21.55 -53.63 10.54
N THR A 191 20.44 -53.52 9.81
CA THR A 191 19.85 -52.22 9.49
C THR A 191 18.44 -52.03 10.06
N SER A 192 17.71 -53.10 10.27
CA SER A 192 16.34 -52.98 10.74
C SER A 192 16.33 -52.47 12.18
N GLY A 193 15.52 -51.46 12.46
CA GLY A 193 15.42 -50.88 13.78
C GLY A 193 16.54 -49.92 14.13
N VAL A 194 17.41 -49.57 13.20
CA VAL A 194 18.50 -48.66 13.48
C VAL A 194 18.04 -47.23 13.18
N HIS A 195 18.40 -46.30 14.06
CA HIS A 195 18.19 -44.89 13.77
C HIS A 195 19.43 -44.13 14.24
N THR A 196 20.07 -43.43 13.33
CA THR A 196 21.22 -42.59 13.60
C THR A 196 20.81 -41.12 13.54
N PHE A 197 20.98 -40.41 14.65
CA PHE A 197 20.52 -39.03 14.78
C PHE A 197 21.44 -38.04 14.07
N PRO A 198 20.92 -36.87 13.71
CA PRO A 198 21.78 -35.77 13.31
C PRO A 198 22.71 -35.39 14.45
N ALA A 199 23.85 -34.83 14.07
CA ALA A 199 24.84 -34.40 15.04
C ALA A 199 24.38 -33.14 15.77
N VAL A 200 24.81 -33.00 16.98
CA VAL A 200 24.64 -31.73 17.65
C VAL A 200 25.99 -31.06 17.55
N LEU A 201 25.98 -29.73 17.45
CA LEU A 201 27.20 -28.96 17.58
C LEU A 201 27.35 -28.50 19.02
N GLN A 202 28.51 -28.78 19.59
CA GLN A 202 28.79 -28.36 20.95
C GLN A 202 29.49 -27.01 20.96
N SER A 203 29.50 -26.41 22.16
CA SER A 203 30.16 -25.13 22.38
C SER A 203 31.63 -25.20 22.04
N SER A 204 32.19 -26.40 22.10
CA SER A 204 33.57 -26.65 21.67
C SER A 204 33.80 -26.30 20.21
N GLY A 205 32.76 -26.45 19.39
CA GLY A 205 32.91 -26.50 17.95
C GLY A 205 33.03 -27.89 17.38
N LEU A 206 33.16 -28.90 18.26
CA LEU A 206 33.13 -30.31 17.92
C LEU A 206 31.69 -30.79 17.85
N TYR A 207 31.50 -31.90 17.14
CA TYR A 207 30.21 -32.54 17.02
C TYR A 207 30.13 -33.84 17.81
N SER A 208 28.91 -34.18 18.19
CA SER A 208 28.59 -35.49 18.73
C SER A 208 27.29 -35.96 18.12
N LEU A 209 27.17 -37.28 17.96
CA LEU A 209 25.89 -37.91 17.64
C LEU A 209 25.79 -39.27 18.33
N SER A 210 24.61 -39.89 18.17
CA SER A 210 24.28 -41.20 18.71
C SER A 210 23.57 -41.98 17.62
N SER A 211 23.73 -43.30 17.66
CA SER A 211 22.98 -44.23 16.83
C SER A 211 22.39 -45.30 17.74
N VAL A 212 21.14 -45.68 17.50
CA VAL A 212 20.38 -46.50 18.43
C VAL A 212 19.67 -47.62 17.68
N VAL A 213 19.51 -48.75 18.33
CA VAL A 213 18.78 -49.87 17.77
C VAL A 213 17.66 -50.21 18.73
N THR A 214 16.45 -50.32 18.20
CA THR A 214 15.33 -50.91 18.94
C THR A 214 15.35 -52.39 18.66
N VAL A 215 15.49 -53.20 19.69
CA VAL A 215 15.57 -54.66 19.56
C VAL A 215 14.60 -55.29 20.54
N PRO A 216 14.25 -56.55 20.35
CA PRO A 216 13.45 -57.25 21.36
C PRO A 216 14.26 -57.56 22.62
N SER A 217 13.62 -57.38 23.78
CA SER A 217 14.30 -57.61 25.06
C SER A 217 14.86 -59.03 25.17
N SER A 218 14.15 -60.02 24.63
CA SER A 218 14.63 -61.38 24.74
C SER A 218 15.92 -61.61 23.97
N SER A 219 16.26 -60.72 23.03
CA SER A 219 17.48 -60.89 22.26
C SER A 219 18.73 -60.48 23.03
N LEU A 220 18.56 -59.71 24.09
CA LEU A 220 19.70 -59.12 24.80
C LEU A 220 20.50 -60.21 25.49
N GLY A 221 21.80 -60.25 25.21
CA GLY A 221 22.68 -61.24 25.76
C GLY A 221 22.82 -62.49 24.93
N THR A 222 21.96 -62.71 23.96
CA THR A 222 22.15 -63.81 23.00
C THR A 222 22.56 -63.30 21.62
N GLN A 223 21.81 -62.35 21.04
CA GLN A 223 22.29 -61.65 19.86
C GLN A 223 23.44 -60.72 20.24
N THR A 224 24.42 -60.60 19.36
CA THR A 224 25.50 -59.63 19.51
C THR A 224 25.21 -58.33 18.75
N TYR A 225 25.61 -57.22 19.35
CA TYR A 225 25.42 -55.92 18.75
C TYR A 225 26.73 -55.14 18.84
N ILE A 226 27.28 -54.79 17.68
CA ILE A 226 28.53 -54.07 17.57
C ILE A 226 28.28 -52.89 16.61
N CYS A 227 28.61 -51.68 17.04
CA CYS A 227 28.49 -50.54 16.14
C CYS A 227 29.84 -50.24 15.49
N ASN A 228 29.80 -49.93 14.20
CA ASN A 228 30.97 -49.67 13.40
C ASN A 228 30.95 -48.19 13.06
N VAL A 229 31.79 -47.41 13.71
CA VAL A 229 31.84 -45.98 13.45
C VAL A 229 32.97 -45.72 12.47
N ASN A 230 32.68 -44.99 11.40
CA ASN A 230 33.70 -44.55 10.46
C ASN A 230 33.53 -43.06 10.27
N HIS A 231 34.51 -42.32 10.77
CA HIS A 231 34.67 -40.90 10.51
C HIS A 231 35.73 -40.75 9.43
N LYS A 232 35.29 -40.75 8.16
CA LYS A 232 36.22 -40.69 7.04
C LYS A 232 37.11 -39.45 7.06
N PRO A 233 36.64 -38.28 7.46
CA PRO A 233 37.55 -37.13 7.51
C PRO A 233 38.85 -37.38 8.23
N SER A 234 38.86 -38.21 9.27
CA SER A 234 40.07 -38.50 10.04
C SER A 234 40.55 -39.95 9.91
N ASN A 235 40.04 -40.68 8.94
CA ASN A 235 40.34 -42.11 8.81
C ASN A 235 40.29 -42.81 10.16
N THR A 236 39.21 -42.57 10.91
CA THR A 236 38.96 -43.27 12.15
C THR A 236 37.83 -44.28 11.90
N LYS A 237 38.12 -45.57 12.10
CA LYS A 237 37.12 -46.61 12.20
C LYS A 237 37.19 -47.24 13.58
N VAL A 238 36.05 -47.33 14.26
CA VAL A 238 35.99 -47.93 15.59
C VAL A 238 34.80 -48.87 15.63
N ASP A 239 35.03 -50.08 16.13
CA ASP A 239 34.00 -51.03 16.50
C ASP A 239 33.89 -51.07 18.03
N LYS A 240 32.65 -50.96 18.54
CA LYS A 240 32.35 -51.05 19.96
C LYS A 240 31.24 -52.08 20.17
N ARG A 241 31.52 -53.08 21.00
CA ARG A 241 30.48 -54.01 21.39
C ARG A 241 29.55 -53.34 22.40
N VAL A 242 28.26 -53.59 22.27
CA VAL A 242 27.27 -53.04 23.17
C VAL A 242 26.56 -54.22 23.82
N GLU A 243 26.82 -54.42 25.09
CA GLU A 243 26.22 -55.52 25.83
C GLU A 243 25.46 -54.99 27.03
N PRO A 244 24.51 -55.76 27.53
CA PRO A 244 23.71 -55.32 28.69
C PRO A 244 24.58 -55.09 29.92
N LYS A 245 24.05 -54.32 30.87
CA LYS A 245 24.79 -54.07 32.09
C LYS A 245 24.68 -55.22 33.07
N SER A 246 23.45 -55.77 33.24
CA SER A 246 23.08 -56.60 34.41
C SER A 246 21.80 -57.49 34.29
N CYS A 247 22.04 -58.78 34.52
CA CYS A 247 20.93 -59.71 34.59
C CYS A 247 20.78 -60.28 36.00
N GLN B 20 19.70 -5.46 21.90
CA GLN B 20 18.59 -5.50 22.84
C GLN B 20 18.17 -6.95 23.00
N SER B 21 17.13 -7.22 23.79
CA SER B 21 16.80 -8.59 24.14
C SER B 21 15.86 -9.23 23.11
N ALA B 22 16.09 -10.51 22.85
CA ALA B 22 15.30 -11.22 21.86
C ALA B 22 13.83 -11.14 22.20
N LEU B 23 13.01 -11.03 21.18
CA LEU B 23 11.57 -11.11 21.37
C LEU B 23 11.20 -12.54 21.74
N THR B 24 10.29 -12.67 22.68
CA THR B 24 9.87 -13.98 23.16
C THR B 24 8.74 -14.48 22.27
N GLN B 25 8.91 -15.66 21.69
CA GLN B 25 7.89 -16.39 20.95
C GLN B 25 7.68 -17.74 21.62
N PRO B 26 6.51 -18.35 21.45
CA PRO B 26 6.38 -19.78 21.79
C PRO B 26 7.27 -20.66 20.93
N ALA B 27 7.76 -21.74 21.55
CA ALA B 27 8.66 -22.65 20.86
C ALA B 27 7.94 -23.38 19.73
N SER B 28 6.68 -23.73 19.94
CA SER B 28 5.98 -24.66 19.07
C SER B 28 4.50 -24.33 19.05
N VAL B 29 3.90 -24.29 17.86
CA VAL B 29 2.45 -24.16 17.72
C VAL B 29 2.04 -25.19 16.68
N SER B 30 0.90 -25.83 16.89
CA SER B 30 0.39 -26.82 15.96
C SER B 30 -1.09 -26.58 15.70
N GLY B 31 -1.54 -27.09 14.56
CA GLY B 31 -2.95 -27.03 14.19
C GLY B 31 -3.20 -28.02 13.08
N SER B 32 -4.46 -28.41 12.93
CA SER B 32 -4.86 -29.23 11.80
C SER B 32 -5.12 -28.37 10.56
N PRO B 33 -5.03 -28.94 9.36
CA PRO B 33 -5.41 -28.18 8.16
C PRO B 33 -6.80 -27.59 8.34
N GLY B 34 -6.99 -26.37 7.81
CA GLY B 34 -8.24 -25.66 7.91
C GLY B 34 -8.37 -24.84 9.16
N GLN B 35 -7.52 -25.10 10.15
CA GLN B 35 -7.51 -24.37 11.40
C GLN B 35 -6.83 -23.01 11.20
N SER B 36 -7.11 -22.10 12.13
CA SER B 36 -6.42 -20.83 12.29
C SER B 36 -5.55 -20.90 13.54
N ILE B 37 -4.32 -20.36 13.44
CA ILE B 37 -3.43 -20.35 14.59
C ILE B 37 -2.80 -18.97 14.71
N THR B 38 -2.36 -18.66 15.93
CA THR B 38 -1.70 -17.40 16.20
C THR B 38 -0.35 -17.66 16.86
N ILE B 39 0.61 -16.80 16.55
CA ILE B 39 1.96 -16.85 17.07
C ILE B 39 2.26 -15.50 17.69
N SER B 40 2.57 -15.47 18.97
CA SER B 40 2.84 -14.23 19.66
C SER B 40 4.34 -13.95 19.74
N CYS B 41 4.67 -12.68 19.98
CA CYS B 41 6.04 -12.17 19.87
C CYS B 41 6.11 -11.02 20.86
N THR B 42 6.71 -11.24 22.03
CA THR B 42 6.62 -10.25 23.09
C THR B 42 7.95 -9.52 23.27
N GLY B 43 7.90 -8.19 23.25
CA GLY B 43 9.08 -7.37 23.46
C GLY B 43 8.86 -6.42 24.62
N THR B 44 9.29 -5.19 24.39
CA THR B 44 9.36 -4.17 25.41
C THR B 44 8.93 -2.82 24.83
N SER B 45 8.73 -1.87 25.71
CA SER B 45 8.51 -0.47 25.35
C SER B 45 9.25 -0.07 24.08
N ASN B 46 10.53 -0.44 24.03
CA ASN B 46 11.46 0.14 23.10
C ASN B 46 11.44 -0.51 21.72
N ASP B 47 10.69 -1.60 21.56
CA ASP B 47 10.55 -2.20 20.24
C ASP B 47 9.09 -2.37 19.88
N VAL B 48 8.50 -3.48 20.30
CA VAL B 48 7.11 -3.78 19.93
C VAL B 48 6.17 -2.72 20.48
N GLY B 49 6.42 -2.28 21.71
CA GLY B 49 5.46 -1.52 22.48
C GLY B 49 5.16 -0.17 21.89
N ASP B 50 6.17 0.68 21.80
CA ASP B 50 5.98 2.08 21.41
C ASP B 50 6.09 2.34 19.91
N TYR B 51 6.33 1.32 19.09
CA TYR B 51 6.53 1.54 17.67
C TYR B 51 5.75 0.55 16.82
N ASP B 52 5.66 0.87 15.54
CA ASP B 52 4.99 -0.08 14.65
C ASP B 52 6.02 -0.68 13.72
N TYR B 53 6.99 -1.47 14.26
CA TYR B 53 8.19 -1.84 13.53
C TYR B 53 8.37 -3.36 13.42
N VAL B 54 7.29 -4.12 13.57
CA VAL B 54 7.36 -5.57 13.66
C VAL B 54 7.25 -6.21 12.29
N SER B 55 8.10 -7.22 12.05
CA SER B 55 8.07 -8.06 10.86
C SER B 55 7.92 -9.53 11.26
N TRP B 56 7.55 -10.33 10.28
CA TRP B 56 7.36 -11.76 10.42
C TRP B 56 7.99 -12.41 9.20
N TYR B 57 8.72 -13.52 9.43
CA TYR B 57 9.39 -14.27 8.37
C TYR B 57 9.11 -15.76 8.51
N GLN B 58 8.92 -16.39 7.37
CA GLN B 58 8.80 -17.84 7.25
C GLN B 58 10.11 -18.43 6.73
N LEU B 59 10.61 -19.45 7.45
CA LEU B 59 11.87 -20.12 7.16
C LEU B 59 11.61 -21.60 6.99
N HIS B 60 11.71 -22.10 5.73
CA HIS B 60 11.72 -23.52 5.41
C HIS B 60 13.16 -24.00 5.43
N PRO B 61 13.35 -25.24 5.86
CA PRO B 61 14.72 -25.78 6.00
C PRO B 61 15.53 -25.59 4.73
N GLY B 62 16.72 -25.02 4.89
CA GLY B 62 17.56 -24.77 3.74
C GLY B 62 17.17 -23.66 2.78
N LYS B 63 15.92 -23.22 2.78
CA LYS B 63 15.52 -22.07 1.98
C LYS B 63 15.85 -20.77 2.73
N ALA B 64 15.85 -19.67 1.99
CA ALA B 64 16.14 -18.42 2.65
C ALA B 64 14.89 -17.93 3.38
N PRO B 65 15.04 -17.15 4.44
CA PRO B 65 13.87 -16.50 5.05
C PRO B 65 13.01 -15.79 4.01
N LYS B 66 11.70 -15.78 4.25
CA LYS B 66 10.72 -15.10 3.39
C LYS B 66 9.88 -14.14 4.21
N LEU B 67 9.84 -12.88 3.79
CA LEU B 67 8.97 -11.91 4.44
C LEU B 67 7.50 -12.27 4.26
N LEU B 68 6.74 -12.20 5.35
CA LEU B 68 5.28 -12.30 5.28
C LEU B 68 4.56 -11.02 5.66
N ILE B 69 5.04 -10.30 6.67
CA ILE B 69 4.37 -9.15 7.24
C ILE B 69 5.46 -8.17 7.64
N PHE B 70 5.21 -6.88 7.41
CA PHE B 70 6.04 -5.80 7.91
C PHE B 70 5.17 -4.65 8.39
N ASP B 71 5.80 -3.72 9.11
CA ASP B 71 5.11 -2.62 9.78
C ASP B 71 3.85 -3.12 10.50
N VAL B 72 4.06 -4.16 11.28
CA VAL B 72 3.08 -4.83 12.13
C VAL B 72 2.06 -5.59 11.30
N SER B 73 1.48 -4.95 10.27
CA SER B 73 0.32 -5.54 9.64
C SER B 73 0.28 -5.43 8.13
N ARG B 74 1.28 -4.84 7.49
CA ARG B 74 1.26 -4.75 6.04
C ARG B 74 1.78 -6.04 5.41
N ARG B 75 1.09 -6.49 4.37
CA ARG B 75 1.41 -7.73 3.68
C ARG B 75 2.03 -7.37 2.33
N PRO B 76 3.22 -7.87 1.98
CA PRO B 76 3.70 -7.67 0.61
C PRO B 76 2.76 -8.36 -0.37
N SER B 77 2.57 -7.74 -1.53
CA SER B 77 1.91 -8.46 -2.62
C SER B 77 2.70 -9.76 -2.87
N GLY B 78 1.98 -10.85 -3.10
CA GLY B 78 2.56 -12.16 -3.25
C GLY B 78 2.48 -13.04 -2.01
N VAL B 79 2.18 -12.45 -0.87
CA VAL B 79 1.92 -13.21 0.35
C VAL B 79 0.41 -13.42 0.43
N SER B 80 0.01 -14.70 0.56
CA SER B 80 -1.39 -15.05 0.76
C SER B 80 -1.99 -14.18 1.86
N ASP B 81 -3.26 -13.79 1.65
CA ASP B 81 -4.03 -13.06 2.66
C ASP B 81 -4.44 -13.94 3.84
N ARG B 82 -4.08 -15.24 3.84
CA ARG B 82 -4.25 -16.04 5.06
C ARG B 82 -3.34 -15.57 6.19
N PHE B 83 -2.33 -14.77 5.88
CA PHE B 83 -1.36 -14.27 6.83
C PHE B 83 -1.74 -12.86 7.24
N SER B 84 -1.78 -12.62 8.54
CA SER B 84 -2.22 -11.36 9.10
C SER B 84 -1.42 -11.05 10.35
N GLY B 85 -1.09 -9.78 10.53
CA GLY B 85 -0.35 -9.32 11.68
C GLY B 85 -1.08 -8.25 12.46
N SER B 86 -0.72 -8.12 13.74
CA SER B 86 -1.37 -7.20 14.67
C SER B 86 -0.48 -6.99 15.88
N LYS B 87 -0.93 -6.14 16.79
CA LYS B 87 -0.14 -5.79 17.95
C LYS B 87 -1.10 -5.27 19.03
N SER B 88 -0.84 -5.64 20.28
CA SER B 88 -1.59 -5.09 21.41
C SER B 88 -0.63 -5.02 22.58
N GLY B 89 -0.26 -3.80 22.96
CA GLY B 89 0.69 -3.65 24.05
C GLY B 89 2.10 -4.00 23.59
N ASP B 90 2.82 -4.74 24.42
CA ASP B 90 4.16 -5.20 24.09
C ASP B 90 4.16 -6.52 23.29
N THR B 91 3.01 -6.98 22.81
CA THR B 91 2.91 -8.26 22.12
C THR B 91 2.32 -8.10 20.71
N ALA B 92 3.12 -8.42 19.70
CA ALA B 92 2.67 -8.56 18.33
C ALA B 92 2.26 -9.99 18.07
N SER B 93 1.39 -10.18 17.09
CA SER B 93 0.91 -11.51 16.80
C SER B 93 0.77 -11.71 15.32
N LEU B 94 1.13 -12.91 14.87
CA LEU B 94 0.97 -13.35 13.50
C LEU B 94 -0.13 -14.39 13.48
N THR B 95 -1.19 -14.15 12.72
CA THR B 95 -2.27 -15.12 12.57
C THR B 95 -2.19 -15.81 11.21
N ILE B 96 -2.29 -17.13 11.20
CA ILE B 96 -2.29 -17.92 9.99
C ILE B 96 -3.64 -18.62 9.88
N SER B 97 -4.48 -18.17 8.95
CA SER B 97 -5.83 -18.70 8.79
C SER B 97 -5.85 -19.79 7.74
N GLY B 98 -6.80 -20.70 7.89
CA GLY B 98 -6.92 -21.78 6.93
C GLY B 98 -5.64 -22.56 6.74
N LEU B 99 -5.07 -23.06 7.83
CA LEU B 99 -3.77 -23.73 7.77
C LEU B 99 -3.70 -24.73 6.62
N GLN B 100 -2.60 -24.64 5.86
CA GLN B 100 -2.28 -25.56 4.79
C GLN B 100 -0.94 -26.23 5.10
N ALA B 101 -0.72 -27.41 4.51
CA ALA B 101 0.45 -28.20 4.88
C ALA B 101 1.74 -27.48 4.55
N GLU B 102 1.72 -26.65 3.50
CA GLU B 102 2.87 -25.86 3.11
C GLU B 102 3.27 -24.86 4.18
N ASP B 103 2.37 -24.54 5.11
CA ASP B 103 2.68 -23.60 6.18
C ASP B 103 3.58 -24.20 7.28
N GLU B 104 3.79 -25.52 7.29
CA GLU B 104 4.74 -26.11 8.23
C GLU B 104 6.14 -25.56 8.00
N ALA B 105 6.64 -24.81 8.97
CA ALA B 105 7.94 -24.14 8.87
C ALA B 105 8.31 -23.52 10.21
N ASP B 106 9.48 -22.87 10.25
CA ASP B 106 9.83 -22.02 11.39
C ASP B 106 9.40 -20.59 11.10
N TYR B 107 8.92 -19.88 12.12
CA TYR B 107 8.49 -18.49 11.95
C TYR B 107 9.21 -17.58 12.95
N TYR B 108 9.69 -16.45 12.47
CA TYR B 108 10.44 -15.52 13.32
C TYR B 108 9.83 -14.14 13.21
N CYS B 109 9.72 -13.45 14.34
CA CYS B 109 9.41 -12.04 14.27
C CYS B 109 10.70 -11.24 14.40
N SER B 110 10.59 -9.97 14.08
CA SER B 110 11.70 -9.04 14.20
C SER B 110 11.14 -7.66 14.46
N SER B 111 11.99 -6.79 15.00
CA SER B 111 11.58 -5.41 15.18
C SER B 111 12.78 -4.47 15.09
N TYR B 112 12.58 -3.36 14.42
CA TYR B 112 13.41 -2.19 14.64
C TYR B 112 13.14 -1.64 16.04
N THR B 113 14.06 -0.83 16.54
CA THR B 113 13.99 -0.40 17.93
C THR B 113 14.30 1.08 17.99
N GLY B 114 13.99 1.68 19.14
CA GLY B 114 14.29 3.08 19.42
C GLY B 114 15.75 3.36 19.70
N SER B 115 16.58 2.32 19.78
CA SER B 115 18.04 2.45 19.84
C SER B 115 18.70 2.27 18.46
N SER B 116 17.90 2.23 17.39
CA SER B 116 18.41 2.15 16.00
C SER B 116 19.11 0.82 15.75
N THR B 117 18.52 -0.25 16.26
CA THR B 117 18.99 -1.61 16.05
C THR B 117 17.82 -2.44 15.55
N TYR B 118 18.07 -3.69 15.21
CA TYR B 118 17.01 -4.67 14.98
C TYR B 118 17.21 -5.80 15.98
N VAL B 119 16.12 -6.36 16.51
CA VAL B 119 16.18 -7.58 17.30
C VAL B 119 15.24 -8.59 16.64
N PHE B 120 15.51 -9.87 16.89
CA PHE B 120 14.67 -10.95 16.39
C PHE B 120 14.01 -11.70 17.54
N GLY B 121 12.91 -12.40 17.20
CA GLY B 121 12.29 -13.35 18.08
C GLY B 121 13.09 -14.63 18.15
N THR B 122 12.73 -15.48 19.12
CA THR B 122 13.40 -16.75 19.38
C THR B 122 12.90 -17.88 18.48
N GLY B 123 11.78 -17.69 17.79
CA GLY B 123 11.37 -18.59 16.73
C GLY B 123 10.33 -19.57 17.20
N THR B 124 9.38 -19.88 16.33
CA THR B 124 8.27 -20.77 16.60
C THR B 124 8.22 -21.81 15.48
N LYS B 125 8.22 -23.09 15.85
CA LYS B 125 8.00 -24.17 14.89
C LYS B 125 6.50 -24.41 14.74
N VAL B 126 5.99 -24.23 13.53
CA VAL B 126 4.58 -24.51 13.25
C VAL B 126 4.51 -25.89 12.64
N SER B 127 3.67 -26.73 13.24
CA SER B 127 3.32 -28.05 12.71
C SER B 127 1.88 -28.04 12.22
N VAL B 128 1.67 -28.56 11.02
CA VAL B 128 0.36 -28.80 10.47
C VAL B 128 0.09 -30.29 10.62
N LEU B 129 -0.88 -30.66 11.44
CA LEU B 129 -1.08 -32.08 11.76
C LEU B 129 -1.64 -32.83 10.55
N SER B 130 -0.75 -33.51 9.82
CA SER B 130 -1.11 -34.41 8.73
C SER B 130 -1.47 -35.80 9.21
N GLN B 131 -1.01 -36.20 10.40
CA GLN B 131 -1.27 -37.50 11.02
C GLN B 131 -1.81 -37.25 12.42
N PRO B 132 -2.42 -38.26 13.03
CA PRO B 132 -2.79 -38.13 14.45
C PRO B 132 -1.58 -38.04 15.38
N LYS B 133 -1.80 -37.35 16.49
CA LYS B 133 -0.76 -37.12 17.47
C LYS B 133 -0.24 -38.44 18.01
N ALA B 134 1.05 -38.47 18.30
CA ALA B 134 1.74 -39.64 18.84
C ALA B 134 2.67 -39.18 19.96
N ASN B 135 2.53 -39.77 21.14
CA ASN B 135 3.31 -39.34 22.29
C ASN B 135 4.72 -39.93 22.20
N PRO B 136 5.74 -39.17 22.62
CA PRO B 136 7.11 -39.70 22.56
C PRO B 136 7.36 -40.78 23.61
N THR B 137 8.22 -41.72 23.23
CA THR B 137 8.82 -42.64 24.19
C THR B 137 10.19 -42.10 24.58
N VAL B 138 10.46 -42.01 25.87
CA VAL B 138 11.72 -41.44 26.31
C VAL B 138 12.58 -42.52 26.94
N THR B 139 13.86 -42.51 26.58
CA THR B 139 14.84 -43.45 27.10
C THR B 139 16.10 -42.66 27.46
N LEU B 140 16.47 -42.68 28.73
CA LEU B 140 17.59 -41.89 29.22
C LEU B 140 18.74 -42.83 29.58
N PHE B 141 19.93 -42.60 28.96
CA PHE B 141 21.14 -43.38 29.27
C PHE B 141 22.07 -42.64 30.22
N PRO B 142 22.52 -43.26 31.31
CA PRO B 142 23.55 -42.64 32.12
C PRO B 142 24.90 -42.74 31.44
N PRO B 143 25.92 -42.09 32.01
CA PRO B 143 27.26 -42.22 31.45
C PRO B 143 27.74 -43.66 31.49
N SER B 144 28.46 -44.06 30.46
CA SER B 144 29.00 -45.40 30.46
C SER B 144 30.20 -45.46 31.41
N SER B 145 30.49 -46.65 31.94
CA SER B 145 31.72 -46.83 32.72
C SER B 145 32.95 -46.41 31.91
N GLU B 146 32.96 -46.76 30.63
CA GLU B 146 34.10 -46.42 29.77
C GLU B 146 34.29 -44.91 29.68
N GLU B 147 33.19 -44.16 29.55
CA GLU B 147 33.33 -42.70 29.49
C GLU B 147 33.84 -42.16 30.82
N LEU B 148 33.38 -42.75 31.92
CA LEU B 148 33.77 -42.23 33.23
C LEU B 148 35.24 -42.50 33.54
N GLN B 149 35.72 -43.73 33.27
CA GLN B 149 37.16 -44.01 33.32
C GLN B 149 37.99 -42.99 32.53
N ALA B 150 37.43 -42.42 31.44
CA ALA B 150 38.09 -41.39 30.64
C ALA B 150 37.91 -39.98 31.20
N ASN B 151 37.37 -39.85 32.43
CA ASN B 151 37.20 -38.55 33.11
C ASN B 151 36.19 -37.65 32.42
N LYS B 152 35.16 -38.25 31.82
CA LYS B 152 34.08 -37.52 31.16
C LYS B 152 32.76 -38.19 31.52
N ALA B 153 31.67 -37.47 31.29
CA ALA B 153 30.36 -38.06 31.47
C ALA B 153 29.34 -37.33 30.60
N THR B 154 28.55 -38.09 29.85
CA THR B 154 27.47 -37.55 29.02
C THR B 154 26.22 -38.34 29.33
N LEU B 155 25.15 -37.63 29.69
CA LEU B 155 23.81 -38.22 29.72
C LEU B 155 23.18 -38.05 28.33
N VAL B 156 22.48 -39.09 27.89
CA VAL B 156 21.90 -39.18 26.55
C VAL B 156 20.42 -39.48 26.68
N CYS B 157 19.59 -38.54 26.25
CA CYS B 157 18.13 -38.65 26.28
C CYS B 157 17.60 -38.88 24.87
N LEU B 158 17.07 -40.07 24.61
CA LEU B 158 16.60 -40.44 23.29
C LEU B 158 15.09 -40.38 23.29
N ILE B 159 14.55 -39.71 22.28
CA ILE B 159 13.14 -39.40 22.20
C ILE B 159 12.64 -39.95 20.88
N SER B 160 11.65 -40.83 20.94
CA SER B 160 11.25 -41.55 19.74
C SER B 160 9.75 -41.70 19.66
N ASP B 161 9.33 -41.99 18.42
CA ASP B 161 7.99 -42.45 18.08
C ASP B 161 6.93 -41.39 18.32
N PHE B 162 7.26 -40.13 18.03
CA PHE B 162 6.30 -39.06 18.29
C PHE B 162 5.95 -38.25 17.04
N TYR B 163 4.81 -37.53 17.12
CA TYR B 163 4.28 -36.72 16.03
C TYR B 163 3.30 -35.71 16.63
N PRO B 164 3.41 -34.40 16.30
CA PRO B 164 4.31 -33.85 15.29
C PRO B 164 5.73 -33.73 15.80
N GLY B 165 6.64 -33.37 14.90
CA GLY B 165 8.05 -33.32 15.17
C GLY B 165 8.47 -32.00 15.79
N ALA B 166 7.97 -31.72 17.00
CA ALA B 166 8.42 -30.59 17.78
C ALA B 166 8.44 -30.99 19.24
N VAL B 167 9.56 -30.73 19.92
CA VAL B 167 9.67 -30.96 21.36
C VAL B 167 10.56 -29.89 21.98
N THR B 168 10.32 -29.63 23.26
CA THR B 168 11.30 -28.99 24.12
C THR B 168 11.78 -29.95 25.22
N VAL B 169 13.05 -29.82 25.57
CA VAL B 169 13.72 -30.70 26.51
C VAL B 169 14.33 -29.86 27.64
N ALA B 170 14.00 -30.20 28.86
CA ALA B 170 14.58 -29.55 30.01
C ALA B 170 15.29 -30.61 30.84
N TRP B 171 16.47 -30.26 31.33
CA TRP B 171 17.20 -31.15 32.21
C TRP B 171 17.16 -30.62 33.64
N LYS B 172 17.20 -31.55 34.59
CA LYS B 172 17.12 -31.25 36.02
C LYS B 172 18.21 -32.05 36.71
N ALA B 173 18.94 -31.39 37.61
CA ALA B 173 19.85 -32.02 38.54
C ALA B 173 19.14 -31.96 39.89
N ASP B 174 18.84 -33.12 40.47
CA ASP B 174 17.95 -33.18 41.64
C ASP B 174 16.68 -32.49 41.12
N SER B 175 16.18 -31.45 41.77
CA SER B 175 15.05 -30.68 41.25
C SER B 175 15.48 -29.33 40.66
N SER B 176 16.80 -29.06 40.61
CA SER B 176 17.21 -27.77 40.08
C SER B 176 17.44 -27.83 38.57
N PRO B 177 17.11 -26.75 37.85
CA PRO B 177 17.26 -26.76 36.40
C PRO B 177 18.72 -26.73 35.99
N VAL B 178 19.06 -27.50 34.98
CA VAL B 178 20.41 -27.52 34.41
C VAL B 178 20.29 -26.86 33.06
N LYS B 179 21.05 -25.78 32.84
CA LYS B 179 21.11 -25.10 31.55
C LYS B 179 22.43 -25.28 30.81
N ALA B 180 23.56 -25.39 31.53
CA ALA B 180 24.87 -25.44 30.90
C ALA B 180 25.18 -26.86 30.44
N GLY B 181 25.81 -26.96 29.27
CA GLY B 181 26.20 -28.23 28.69
C GLY B 181 25.09 -29.03 28.05
N VAL B 182 23.95 -28.42 27.73
CA VAL B 182 22.84 -29.09 27.05
C VAL B 182 22.94 -28.82 25.56
N GLU B 183 22.84 -29.87 24.75
CA GLU B 183 22.55 -29.72 23.32
C GLU B 183 21.45 -30.68 22.93
N THR B 184 20.56 -30.23 22.06
CA THR B 184 19.40 -31.01 21.63
C THR B 184 19.26 -30.89 20.11
N THR B 185 18.98 -32.00 19.42
CA THR B 185 18.78 -32.00 17.98
C THR B 185 17.34 -31.60 17.60
N THR B 186 17.19 -31.09 16.35
CA THR B 186 15.86 -30.87 15.80
C THR B 186 15.28 -32.20 15.36
N PRO B 187 14.00 -32.44 15.60
CA PRO B 187 13.44 -33.79 15.34
C PRO B 187 13.53 -34.14 13.87
N SER B 188 13.77 -35.41 13.57
CA SER B 188 13.71 -35.88 12.19
C SER B 188 13.01 -37.24 12.12
N LYS B 189 12.60 -37.61 10.92
CA LYS B 189 11.79 -38.79 10.78
C LYS B 189 12.62 -40.05 10.97
N GLN B 190 12.04 -41.05 11.63
CA GLN B 190 12.56 -42.41 11.67
C GLN B 190 12.02 -43.19 10.46
N SER B 191 12.34 -44.49 10.40
CA SER B 191 11.95 -45.31 9.24
C SER B 191 10.49 -45.73 9.30
N ASN B 192 9.91 -45.93 10.49
CA ASN B 192 8.48 -45.70 10.62
C ASN B 192 8.27 -44.22 10.36
N ASN B 193 7.03 -43.76 10.31
CA ASN B 193 6.90 -42.39 9.84
C ASN B 193 6.81 -41.33 10.95
N LYS B 194 7.18 -41.67 12.21
CA LYS B 194 7.12 -40.79 13.38
C LYS B 194 8.51 -40.22 13.59
N TYR B 195 8.63 -39.31 14.54
CA TYR B 195 9.87 -38.55 14.71
C TYR B 195 10.64 -39.08 15.92
N ALA B 196 11.92 -38.72 15.93
CA ALA B 196 12.85 -39.01 17.01
C ALA B 196 13.69 -37.76 17.20
N ALA B 197 14.14 -37.52 18.43
CA ALA B 197 15.11 -36.46 18.68
C ALA B 197 16.07 -36.91 19.77
N SER B 198 17.05 -36.07 20.09
CA SER B 198 18.03 -36.45 21.09
C SER B 198 18.62 -35.23 21.78
N SER B 199 18.93 -35.40 23.07
CA SER B 199 19.45 -34.33 23.91
C SER B 199 20.59 -34.90 24.72
N TYR B 200 21.58 -34.07 24.98
CA TYR B 200 22.81 -34.49 25.61
C TYR B 200 23.09 -33.55 26.76
N LEU B 201 23.46 -34.10 27.91
CA LEU B 201 23.98 -33.29 29.00
C LEU B 201 25.41 -33.75 29.27
N SER B 202 26.35 -32.84 29.09
CA SER B 202 27.75 -33.08 29.40
C SER B 202 28.03 -32.64 30.84
N LEU B 203 28.63 -33.52 31.62
CA LEU B 203 29.00 -33.23 33.00
C LEU B 203 30.41 -33.76 33.25
N THR B 204 31.03 -33.25 34.29
CA THR B 204 32.23 -33.91 34.80
C THR B 204 31.81 -35.11 35.66
N PRO B 205 32.69 -36.11 35.80
CA PRO B 205 32.40 -37.19 36.76
C PRO B 205 32.06 -36.70 38.14
N GLU B 206 32.64 -35.58 38.55
CA GLU B 206 32.36 -35.03 39.87
C GLU B 206 30.92 -34.55 39.97
N GLN B 207 30.44 -33.84 38.94
CA GLN B 207 29.07 -33.35 38.99
C GLN B 207 28.08 -34.50 38.90
N TRP B 208 28.41 -35.52 38.13
CA TRP B 208 27.53 -36.68 38.03
C TRP B 208 27.39 -37.33 39.40
N LYS B 209 28.50 -37.57 40.06
CA LYS B 209 28.44 -38.18 41.39
C LYS B 209 27.86 -37.25 42.46
N SER B 210 27.85 -35.95 42.23
CA SER B 210 27.53 -35.00 43.30
C SER B 210 26.02 -34.74 43.48
N HIS B 211 25.16 -35.52 42.84
CA HIS B 211 23.73 -35.26 42.91
C HIS B 211 22.99 -36.58 43.03
N ARG B 212 21.81 -36.54 43.62
CA ARG B 212 21.02 -37.74 43.85
C ARG B 212 20.48 -38.30 42.55
N SER B 213 20.14 -37.43 41.60
CA SER B 213 19.64 -37.91 40.32
C SER B 213 19.70 -36.77 39.31
N TYR B 214 19.60 -37.15 38.03
CA TYR B 214 19.42 -36.24 36.89
C TYR B 214 18.20 -36.69 36.10
N SER B 215 17.39 -35.73 35.62
CA SER B 215 16.22 -36.07 34.85
C SER B 215 16.25 -35.38 33.47
N CYS B 216 15.66 -36.05 32.51
CA CYS B 216 15.35 -35.51 31.19
C CYS B 216 13.86 -35.28 31.14
N GLN B 217 13.43 -34.05 30.84
CA GLN B 217 12.01 -33.71 30.75
C GLN B 217 11.65 -33.32 29.33
N VAL B 218 10.80 -34.11 28.69
CA VAL B 218 10.45 -33.94 27.29
C VAL B 218 9.02 -33.47 27.18
N THR B 219 8.84 -32.26 26.66
CA THR B 219 7.52 -31.64 26.56
C THR B 219 7.08 -31.71 25.10
N HIS B 220 5.90 -32.30 24.87
CA HIS B 220 5.38 -32.50 23.52
C HIS B 220 3.88 -32.30 23.54
N GLU B 221 3.40 -31.42 22.67
CA GLU B 221 1.97 -31.10 22.53
C GLU B 221 1.29 -30.92 23.89
N GLY B 222 1.90 -30.11 24.76
CA GLY B 222 1.24 -29.80 26.01
C GLY B 222 1.38 -30.83 27.12
N SER B 223 2.18 -31.88 26.94
CA SER B 223 2.40 -32.84 28.04
C SER B 223 3.88 -33.18 28.14
N THR B 224 4.31 -33.54 29.34
CA THR B 224 5.73 -33.74 29.63
C THR B 224 5.95 -35.17 30.11
N VAL B 225 6.95 -35.82 29.52
CA VAL B 225 7.41 -37.13 29.93
C VAL B 225 8.79 -36.96 30.56
N GLU B 226 9.02 -37.60 31.69
CA GLU B 226 10.25 -37.44 32.46
C GLU B 226 10.88 -38.79 32.70
N LYS B 227 12.22 -38.84 32.62
CA LYS B 227 13.02 -40.03 32.92
C LYS B 227 14.20 -39.59 33.77
N THR B 228 14.69 -40.50 34.61
CA THR B 228 15.62 -40.15 35.66
C THR B 228 16.67 -41.24 35.76
N VAL B 229 17.93 -40.84 35.91
CA VAL B 229 19.04 -41.75 36.18
C VAL B 229 19.78 -41.23 37.41
N ALA B 230 20.52 -42.12 38.05
CA ALA B 230 21.24 -41.75 39.28
C ALA B 230 22.63 -42.36 39.30
N PRO B 231 23.63 -41.63 39.83
CA PRO B 231 24.98 -42.18 39.88
C PRO B 231 25.11 -43.34 40.84
N THR B 232 24.05 -43.69 41.57
CA THR B 232 24.09 -44.75 42.56
C THR B 232 23.47 -46.05 42.04
N GLU B 233 22.82 -46.03 40.89
CA GLU B 233 22.19 -47.20 40.31
C GLU B 233 23.25 -48.15 39.80
N GLN C 20 -10.46 7.32 3.97
CA GLN C 20 -10.75 8.75 3.86
C GLN C 20 -11.28 9.49 5.13
N VAL C 21 -11.31 10.81 5.09
CA VAL C 21 -11.80 11.59 6.23
C VAL C 21 -12.99 12.42 5.80
N GLN C 22 -13.56 13.14 6.76
CA GLN C 22 -14.64 14.08 6.50
C GLN C 22 -14.10 15.49 6.63
N LEU C 23 -14.38 16.33 5.62
CA LEU C 23 -13.96 17.73 5.63
C LEU C 23 -15.19 18.64 5.67
N GLN C 24 -15.19 19.58 6.62
CA GLN C 24 -16.24 20.60 6.74
C GLN C 24 -15.59 21.94 6.42
N GLN C 25 -16.21 22.72 5.55
CA GLN C 25 -15.58 23.98 5.19
C GLN C 25 -16.56 25.13 5.42
N TRP C 26 -15.98 26.34 5.48
CA TRP C 26 -16.76 27.57 5.65
C TRP C 26 -15.92 28.78 5.18
N GLY C 27 -16.55 29.94 5.20
CA GLY C 27 -15.91 31.19 4.86
C GLY C 27 -16.81 32.08 4.01
N ALA C 28 -16.52 33.38 4.04
CA ALA C 28 -17.32 34.37 3.32
C ALA C 28 -17.21 34.17 1.83
N GLY C 29 -18.36 34.12 1.18
CA GLY C 29 -18.43 33.84 -0.24
C GLY C 29 -18.66 35.07 -1.10
N LEU C 30 -19.30 36.10 -0.53
CA LEU C 30 -19.62 37.30 -1.28
C LEU C 30 -18.50 38.32 -1.15
N LEU C 31 -17.83 38.62 -2.28
CA LEU C 31 -16.62 39.43 -2.23
C LEU C 31 -16.61 40.51 -3.30
N LYS C 32 -15.92 41.58 -2.99
CA LYS C 32 -15.81 42.73 -3.86
C LYS C 32 -14.42 42.73 -4.48
N PRO C 33 -14.29 43.23 -5.71
CA PRO C 33 -13.00 43.15 -6.40
C PRO C 33 -11.87 43.66 -5.53
N SER C 34 -10.72 43.01 -5.65
CA SER C 34 -9.48 43.33 -4.97
C SER C 34 -9.49 42.88 -3.52
N GLU C 35 -10.62 42.48 -2.95
CA GLU C 35 -10.64 41.99 -1.59
C GLU C 35 -9.98 40.59 -1.48
N THR C 36 -10.02 40.05 -0.27
CA THR C 36 -9.28 38.86 0.12
C THR C 36 -10.24 37.72 0.40
N LEU C 37 -9.99 36.63 -0.28
CA LEU C 37 -10.70 35.38 -0.05
C LEU C 37 -10.02 34.62 1.09
N SER C 38 -10.82 34.22 2.06
CA SER C 38 -10.37 33.52 3.25
C SER C 38 -11.35 32.38 3.58
N LEU C 39 -10.92 31.14 3.33
CA LEU C 39 -11.73 29.97 3.64
C LEU C 39 -11.00 29.01 4.57
N THR C 40 -11.78 28.15 5.23
CA THR C 40 -11.32 27.26 6.27
C THR C 40 -11.95 25.87 6.13
N CYS C 41 -11.13 24.81 6.30
CA CYS C 41 -11.58 23.42 6.23
C CYS C 41 -11.15 22.73 7.53
N ALA C 42 -12.05 21.96 8.13
CA ALA C 42 -11.75 21.21 9.35
C ALA C 42 -11.74 19.71 9.07
N VAL C 43 -10.80 19.01 9.67
CA VAL C 43 -10.67 17.57 9.49
C VAL C 43 -11.37 16.87 10.62
N ASN C 44 -12.28 15.94 10.26
CA ASN C 44 -12.98 15.07 11.20
C ASN C 44 -12.86 13.63 10.71
N GLY C 45 -12.68 12.69 11.63
CA GLY C 45 -12.55 11.29 11.25
C GLY C 45 -11.15 10.93 10.80
N GLY C 46 -10.14 11.64 11.30
CA GLY C 46 -8.79 11.47 10.82
C GLY C 46 -7.92 12.61 11.30
N SER C 47 -6.66 12.60 10.83
CA SER C 47 -5.71 13.66 11.19
C SER C 47 -4.89 14.04 9.97
N PHE C 48 -4.04 15.06 10.12
CA PHE C 48 -3.25 15.55 9.00
C PHE C 48 -2.24 14.52 8.57
N SER C 49 -1.57 13.91 9.53
CA SER C 49 -0.63 12.82 9.31
C SER C 49 0.48 13.32 8.36
N ILE C 50 0.89 12.51 7.39
CA ILE C 50 1.94 12.89 6.42
C ILE C 50 1.35 13.37 5.10
N TYR C 51 0.04 13.37 4.99
CA TYR C 51 -0.59 13.74 3.74
C TYR C 51 -0.55 15.24 3.49
N TYR C 52 -0.89 15.60 2.27
CA TYR C 52 -1.11 16.98 1.86
C TYR C 52 -2.60 17.24 1.85
N TRP C 53 -2.93 18.53 1.91
CA TRP C 53 -4.29 19.01 2.10
C TRP C 53 -4.46 20.18 1.14
N SER C 54 -5.47 20.11 0.28
CA SER C 54 -5.47 21.01 -0.85
C SER C 54 -6.81 21.72 -1.06
N TRP C 55 -6.72 22.71 -1.96
CA TRP C 55 -7.84 23.54 -2.40
C TRP C 55 -7.96 23.43 -3.92
N ILE C 56 -9.20 23.23 -4.38
CA ILE C 56 -9.54 23.07 -5.79
C ILE C 56 -10.77 23.92 -6.04
N ARG C 57 -10.88 24.49 -7.22
CA ARG C 57 -12.04 25.31 -7.51
C ARG C 57 -12.62 24.98 -8.88
N GLN C 58 -13.92 25.18 -8.97
CA GLN C 58 -14.74 24.88 -10.15
C GLN C 58 -15.36 26.21 -10.59
N PRO C 59 -14.77 26.91 -11.56
CA PRO C 59 -15.38 28.14 -12.06
C PRO C 59 -16.63 27.82 -12.87
N PRO C 60 -17.51 28.80 -13.08
CA PRO C 60 -18.70 28.55 -13.90
C PRO C 60 -18.29 28.24 -15.33
N GLY C 61 -18.81 27.12 -15.85
CA GLY C 61 -18.50 26.72 -17.21
C GLY C 61 -17.01 26.67 -17.53
N LYS C 62 -16.34 25.69 -16.96
CA LYS C 62 -14.92 25.42 -17.20
C LYS C 62 -14.63 24.16 -16.41
N GLY C 63 -13.37 23.79 -16.36
CA GLY C 63 -13.04 22.57 -15.65
C GLY C 63 -12.82 22.75 -14.16
N LEU C 64 -11.76 22.14 -13.65
CA LEU C 64 -11.34 22.30 -12.26
C LEU C 64 -9.95 22.90 -12.29
N ASP C 65 -9.65 23.72 -11.30
CA ASP C 65 -8.34 24.35 -11.14
C ASP C 65 -7.78 23.88 -9.81
N TRP C 66 -6.62 23.27 -9.83
CA TRP C 66 -5.86 23.04 -8.62
C TRP C 66 -5.31 24.37 -8.14
N ILE C 67 -5.49 24.68 -6.86
CA ILE C 67 -4.96 25.91 -6.27
C ILE C 67 -3.63 25.67 -5.56
N GLY C 68 -3.58 24.70 -4.67
CA GLY C 68 -2.33 24.34 -4.06
C GLY C 68 -2.54 23.31 -2.98
N GLU C 69 -1.51 23.14 -2.17
CA GLU C 69 -1.51 22.13 -1.14
C GLU C 69 -0.56 22.54 -0.04
N ILE C 70 -0.80 21.98 1.14
CA ILE C 70 0.01 22.19 2.32
C ILE C 70 -0.01 20.91 3.14
N ASN C 71 1.07 20.67 3.85
CA ASN C 71 1.08 19.58 4.82
C ASN C 71 1.24 20.17 6.23
N GLN C 72 1.27 19.27 7.22
CA GLN C 72 1.18 19.64 8.62
C GLN C 72 2.40 20.40 9.09
N SER C 73 3.52 20.19 8.44
CA SER C 73 4.75 20.88 8.80
C SER C 73 4.86 22.23 8.12
N GLY C 74 3.81 22.67 7.41
CA GLY C 74 3.80 23.96 6.75
C GLY C 74 4.36 23.98 5.35
N SER C 75 4.83 22.87 4.83
CA SER C 75 5.33 22.91 3.45
C SER C 75 4.15 23.06 2.51
N THR C 76 4.35 23.84 1.42
CA THR C 76 3.28 24.18 0.49
C THR C 76 3.74 24.16 -0.97
N ASN C 77 2.85 23.69 -1.84
CA ASN C 77 3.07 23.76 -3.28
C ASN C 77 1.85 24.42 -3.91
N TYR C 78 2.07 25.42 -4.75
CA TYR C 78 0.96 26.16 -5.32
C TYR C 78 0.91 26.02 -6.84
N ASN C 79 -0.29 26.12 -7.40
CA ASN C 79 -0.43 26.36 -8.83
C ASN C 79 0.37 27.62 -9.23
N PRO C 80 1.33 27.51 -10.15
CA PRO C 80 2.19 28.68 -10.47
C PRO C 80 1.45 29.83 -11.12
N SER C 81 0.29 29.58 -11.72
CA SER C 81 -0.49 30.68 -12.25
C SER C 81 -1.14 31.52 -11.14
N LEU C 82 -1.28 30.98 -9.92
CA LEU C 82 -1.93 31.71 -8.82
C LEU C 82 -1.00 32.03 -7.64
N LYS C 83 0.24 31.55 -7.68
CA LYS C 83 1.17 31.66 -6.54
C LYS C 83 1.24 33.08 -5.99
N SER C 84 1.33 34.09 -6.86
CA SER C 84 1.52 35.45 -6.40
C SER C 84 0.38 35.94 -5.50
N ARG C 85 -0.78 35.28 -5.56
CA ARG C 85 -1.98 35.72 -4.86
C ARG C 85 -2.45 34.76 -3.76
N VAL C 86 -1.78 33.63 -3.56
CA VAL C 86 -2.30 32.59 -2.68
C VAL C 86 -1.29 32.27 -1.58
N THR C 87 -1.82 32.07 -0.38
CA THR C 87 -1.08 31.50 0.73
C THR C 87 -2.02 30.54 1.46
N MET C 88 -1.45 29.47 1.97
CA MET C 88 -2.20 28.50 2.73
C MET C 88 -1.56 28.34 4.09
N SER C 89 -2.38 27.92 5.04
CA SER C 89 -1.94 27.77 6.42
C SER C 89 -2.59 26.53 7.01
N VAL C 90 -1.97 26.03 8.08
CA VAL C 90 -2.45 24.87 8.82
C VAL C 90 -2.50 25.25 10.29
N ASP C 91 -3.58 24.86 10.96
CA ASP C 91 -3.67 25.03 12.41
C ASP C 91 -3.81 23.66 13.06
N THR C 92 -2.66 23.05 13.40
CA THR C 92 -2.60 21.74 14.04
C THR C 92 -3.40 21.62 15.35
N SER C 93 -3.53 22.69 16.13
CA SER C 93 -4.32 22.61 17.37
C SER C 93 -5.79 22.32 17.09
N LYS C 94 -6.38 22.95 16.05
CA LYS C 94 -7.78 22.75 15.71
C LYS C 94 -7.99 21.72 14.59
N SER C 95 -6.93 21.17 14.01
CA SER C 95 -7.03 20.34 12.83
C SER C 95 -7.86 21.01 11.73
N GLN C 96 -7.46 22.24 11.41
CA GLN C 96 -7.99 23.05 10.32
C GLN C 96 -6.85 23.46 9.40
N PHE C 97 -7.17 23.68 8.12
CA PHE C 97 -6.26 24.30 7.17
C PHE C 97 -7.07 25.32 6.35
N SER C 98 -6.36 26.28 5.80
CA SER C 98 -6.98 27.50 5.32
C SER C 98 -6.33 27.91 4.02
N LEU C 99 -7.11 28.66 3.23
CA LEU C 99 -6.68 29.29 2.00
C LEU C 99 -6.95 30.80 2.06
N ARG C 100 -5.98 31.59 1.62
CA ARG C 100 -6.12 33.03 1.46
C ARG C 100 -5.72 33.41 0.05
N MET C 101 -6.59 34.16 -0.61
CA MET C 101 -6.33 34.63 -1.95
C MET C 101 -6.59 36.12 -1.97
N THR C 102 -5.55 36.89 -2.25
CA THR C 102 -5.63 38.34 -2.28
C THR C 102 -5.98 38.84 -3.70
N SER C 103 -6.46 40.07 -3.75
CA SER C 103 -6.81 40.76 -5.00
C SER C 103 -7.69 39.99 -5.98
N VAL C 104 -8.88 39.62 -5.53
CA VAL C 104 -9.67 38.76 -6.38
C VAL C 104 -10.22 39.60 -7.46
N THR C 105 -10.58 39.01 -8.49
CA THR C 105 -11.54 39.54 -9.50
C THR C 105 -12.69 38.56 -9.79
N ALA C 106 -13.46 38.92 -10.83
CA ALA C 106 -14.53 38.02 -11.24
C ALA C 106 -13.99 36.70 -11.75
N ALA C 107 -12.75 36.70 -12.25
CA ALA C 107 -12.08 35.48 -12.66
C ALA C 107 -11.92 34.46 -11.53
N ASP C 108 -12.02 34.88 -10.26
CA ASP C 108 -11.89 33.95 -9.14
C ASP C 108 -13.25 33.45 -8.64
N THR C 109 -14.33 33.78 -9.36
CA THR C 109 -15.66 33.31 -8.99
C THR C 109 -15.73 31.81 -9.25
N ALA C 110 -16.03 31.02 -8.22
CA ALA C 110 -16.06 29.56 -8.36
C ALA C 110 -16.61 28.92 -7.09
N ILE C 111 -16.92 27.63 -7.21
CA ILE C 111 -17.04 26.75 -6.04
C ILE C 111 -15.64 26.31 -5.65
N TYR C 112 -15.24 26.62 -4.41
CA TYR C 112 -13.95 26.24 -3.87
C TYR C 112 -14.14 24.99 -3.01
N TYR C 113 -13.30 23.98 -3.23
CA TYR C 113 -13.39 22.73 -2.51
C TYR C 113 -12.11 22.54 -1.70
N CYS C 114 -12.23 22.02 -0.49
CA CYS C 114 -11.01 21.49 0.09
C CYS C 114 -11.05 19.97 -0.04
N ALA C 115 -9.85 19.41 -0.13
CA ALA C 115 -9.69 17.97 -0.24
C ALA C 115 -8.34 17.49 0.28
N ARG C 116 -8.26 16.18 0.42
CA ARG C 116 -7.08 15.49 0.85
C ARG C 116 -6.35 14.88 -0.33
N ALA C 117 -5.03 15.02 -0.32
CA ALA C 117 -4.13 14.47 -1.34
C ALA C 117 -3.19 13.52 -0.63
N PRO C 118 -3.55 12.21 -0.50
CA PRO C 118 -2.84 11.30 0.42
C PRO C 118 -1.63 10.57 -0.17
N ARG C 119 -0.87 11.29 -0.96
CA ARG C 119 0.41 10.87 -1.53
C ARG C 119 1.30 10.16 -0.52
N ILE C 120 1.85 9.00 -0.94
CA ILE C 120 2.80 8.27 -0.14
C ILE C 120 3.99 7.83 -0.99
N ARG C 121 5.09 7.60 -0.29
CA ARG C 121 6.32 7.12 -0.90
C ARG C 121 6.33 5.59 -0.91
N TRP C 122 6.67 5.05 -2.08
CA TRP C 122 7.04 3.65 -2.23
C TRP C 122 8.50 3.66 -2.69
N GLY C 123 9.40 3.79 -1.75
CA GLY C 123 10.82 3.73 -2.07
C GLY C 123 11.43 5.10 -2.27
N SER C 124 12.26 5.24 -3.31
CA SER C 124 12.99 6.48 -3.65
C SER C 124 12.26 7.34 -4.69
N TYR C 125 11.66 6.70 -5.69
CA TYR C 125 11.03 7.33 -6.85
C TYR C 125 9.52 7.21 -6.82
N ARG C 126 8.98 6.03 -6.47
CA ARG C 126 7.61 5.72 -6.83
C ARG C 126 6.62 6.35 -5.86
N LEU C 127 5.64 7.07 -6.40
CA LEU C 127 4.56 7.65 -5.63
C LEU C 127 3.31 6.80 -5.86
N LYS C 128 2.51 6.59 -4.80
CA LYS C 128 1.17 6.03 -4.93
C LYS C 128 0.14 6.95 -4.28
N GLN C 129 -1.14 6.67 -4.57
CA GLN C 129 -2.27 7.45 -4.05
C GLN C 129 -2.14 8.93 -4.44
N THR C 130 -2.01 9.15 -5.77
CA THR C 130 -1.75 10.44 -6.38
C THR C 130 -3.03 11.15 -6.80
N ASN C 131 -4.08 10.94 -6.04
CA ASN C 131 -5.42 11.34 -6.28
C ASN C 131 -5.88 12.25 -5.15
N PHE C 132 -7.10 12.75 -5.30
CA PHE C 132 -7.75 13.56 -4.28
C PHE C 132 -8.84 12.71 -3.66
N ASP C 133 -9.04 12.89 -2.36
CA ASP C 133 -10.18 12.10 -1.91
C ASP C 133 -11.14 12.48 -0.82
N SER C 134 -10.96 13.53 -0.10
CA SER C 134 -11.90 13.67 1.02
C SER C 134 -12.81 14.85 0.79
N TRP C 135 -13.26 15.00 -0.45
CA TRP C 135 -13.69 16.31 -0.90
C TRP C 135 -14.74 16.91 0.03
N GLY C 136 -14.50 18.14 0.45
CA GLY C 136 -15.53 18.95 1.07
C GLY C 136 -16.65 19.26 0.08
N GLN C 137 -17.76 19.76 0.64
CA GLN C 137 -18.94 20.07 -0.14
C GLN C 137 -18.82 21.38 -0.91
N GLY C 138 -17.76 22.15 -0.74
CA GLY C 138 -17.54 23.30 -1.57
C GLY C 138 -18.17 24.55 -0.99
N THR C 139 -17.53 25.67 -1.27
CA THR C 139 -18.06 26.98 -0.90
C THR C 139 -18.12 27.80 -2.18
N LEU C 140 -19.30 28.30 -2.51
CA LEU C 140 -19.43 29.17 -3.66
C LEU C 140 -18.99 30.57 -3.30
N VAL C 141 -18.05 31.12 -4.07
CA VAL C 141 -17.49 32.44 -3.87
C VAL C 141 -17.83 33.29 -5.10
N THR C 142 -18.43 34.45 -4.86
CA THR C 142 -18.82 35.37 -5.93
C THR C 142 -18.09 36.69 -5.73
N VAL C 143 -17.36 37.15 -6.75
CA VAL C 143 -16.69 38.46 -6.73
C VAL C 143 -17.50 39.43 -7.59
N PHE C 144 -18.16 40.39 -6.95
CA PHE C 144 -19.01 41.34 -7.67
C PHE C 144 -18.67 42.76 -7.25
N ASN C 145 -19.01 43.72 -8.11
CA ASN C 145 -18.77 45.12 -7.73
C ASN C 145 -19.94 45.73 -6.98
N GLN C 146 -21.12 45.73 -7.59
CA GLN C 146 -22.29 46.29 -6.92
C GLN C 146 -23.53 45.66 -7.51
N ILE C 147 -24.65 45.86 -6.82
CA ILE C 147 -25.95 45.62 -7.45
C ILE C 147 -26.03 46.54 -8.68
N LYS C 148 -26.58 46.01 -9.78
CA LYS C 148 -26.60 46.72 -11.07
C LYS C 148 -27.79 46.26 -11.89
N GLY C 149 -28.64 47.19 -12.31
CA GLY C 149 -29.83 46.84 -13.04
C GLY C 149 -29.48 46.64 -14.50
N PRO C 150 -30.33 45.93 -15.23
CA PRO C 150 -30.01 45.57 -16.62
C PRO C 150 -30.26 46.70 -17.60
N SER C 151 -29.59 46.60 -18.74
CA SER C 151 -29.94 47.37 -19.94
C SER C 151 -30.70 46.42 -20.86
N VAL C 152 -31.81 46.91 -21.41
CA VAL C 152 -32.78 46.10 -22.13
C VAL C 152 -32.86 46.63 -23.56
N PHE C 153 -32.66 45.72 -24.52
CA PHE C 153 -32.50 45.94 -25.94
C PHE C 153 -33.43 44.98 -26.67
N PRO C 154 -34.14 45.49 -27.67
CA PRO C 154 -35.03 44.61 -28.43
C PRO C 154 -34.21 43.73 -29.37
N LEU C 155 -34.73 42.52 -29.59
CA LEU C 155 -34.21 41.60 -30.59
C LEU C 155 -35.32 41.45 -31.63
N ALA C 156 -35.25 42.30 -32.66
CA ALA C 156 -36.34 42.43 -33.62
C ALA C 156 -36.38 41.22 -34.56
N PRO C 157 -37.59 40.83 -35.00
CA PRO C 157 -37.70 39.66 -35.89
C PRO C 157 -37.05 39.85 -37.27
N THR C 166 -44.25 32.85 -39.72
CA THR C 166 -43.92 32.94 -38.30
C THR C 166 -42.55 33.53 -37.97
N ALA C 167 -42.46 34.28 -36.87
CA ALA C 167 -41.28 35.05 -36.55
C ALA C 167 -41.00 35.05 -35.06
N ALA C 168 -39.71 35.00 -34.74
CA ALA C 168 -39.22 35.09 -33.38
C ALA C 168 -38.70 36.51 -33.12
N LEU C 169 -39.01 37.02 -31.93
CA LEU C 169 -38.52 38.30 -31.42
C LEU C 169 -38.36 38.13 -29.92
N GLY C 170 -37.51 38.94 -29.33
CA GLY C 170 -37.27 38.84 -27.90
C GLY C 170 -36.66 40.10 -27.35
N CYS C 171 -36.12 39.96 -26.13
CA CYS C 171 -35.46 41.03 -25.39
C CYS C 171 -34.16 40.50 -24.81
N LEU C 172 -33.08 41.25 -25.01
CA LEU C 172 -31.79 41.00 -24.41
C LEU C 172 -31.73 41.80 -23.12
N VAL C 173 -31.60 41.10 -22.01
CA VAL C 173 -31.53 41.70 -20.67
C VAL C 173 -30.07 41.61 -20.29
N LYS C 174 -29.36 42.72 -20.42
CA LYS C 174 -27.90 42.66 -20.44
C LYS C 174 -27.27 43.32 -19.23
N ASP C 175 -26.25 42.65 -18.68
CA ASP C 175 -25.26 43.25 -17.77
C ASP C 175 -25.91 43.68 -16.45
N TYR C 176 -26.55 42.72 -15.82
CA TYR C 176 -27.09 42.97 -14.49
C TYR C 176 -26.44 42.07 -13.45
N PHE C 177 -26.67 42.44 -12.18
CA PHE C 177 -26.24 41.68 -11.01
C PHE C 177 -26.98 42.13 -9.76
N PRO C 178 -27.32 41.21 -8.84
CA PRO C 178 -27.24 39.74 -8.99
C PRO C 178 -28.48 39.18 -9.70
N GLU C 179 -28.61 37.86 -9.78
CA GLU C 179 -29.88 37.26 -10.07
C GLU C 179 -30.87 37.54 -8.94
N PRO C 180 -32.19 37.41 -9.21
CA PRO C 180 -32.74 36.99 -10.49
C PRO C 180 -33.38 38.17 -11.28
N VAL C 181 -33.77 37.93 -12.52
CA VAL C 181 -34.64 38.88 -13.21
C VAL C 181 -35.87 38.11 -13.66
N THR C 182 -37.00 38.82 -13.77
CA THR C 182 -38.18 38.23 -14.38
C THR C 182 -38.59 39.04 -15.61
N VAL C 183 -39.18 38.35 -16.57
CA VAL C 183 -39.57 38.91 -17.86
C VAL C 183 -40.95 38.36 -18.19
N SER C 184 -41.84 39.25 -18.62
CA SER C 184 -43.16 38.90 -19.14
C SER C 184 -43.41 39.77 -20.36
N TRP C 185 -44.47 39.44 -21.10
CA TRP C 185 -44.74 40.09 -22.38
C TRP C 185 -46.15 40.65 -22.37
N ASN C 186 -46.28 41.89 -22.80
CA ASN C 186 -47.58 42.57 -22.84
C ASN C 186 -48.27 42.47 -21.48
N SER C 187 -47.52 42.80 -20.43
CA SER C 187 -48.02 42.85 -19.05
C SER C 187 -48.67 41.54 -18.63
N GLY C 188 -48.08 40.43 -19.04
CA GLY C 188 -48.60 39.13 -18.69
C GLY C 188 -49.66 38.58 -19.61
N ALA C 189 -50.04 39.32 -20.67
CA ALA C 189 -51.12 38.88 -21.53
C ALA C 189 -50.65 37.81 -22.51
N LEU C 190 -49.39 37.85 -22.92
CA LEU C 190 -48.81 36.87 -23.84
C LEU C 190 -48.01 35.84 -23.04
N THR C 191 -48.39 34.57 -23.18
CA THR C 191 -47.68 33.47 -22.55
C THR C 191 -47.37 32.36 -23.56
N SER C 192 -48.18 32.26 -24.60
CA SER C 192 -48.01 31.23 -25.61
C SER C 192 -46.75 31.53 -26.42
N GLY C 193 -45.83 30.58 -26.47
CA GLY C 193 -44.62 30.76 -27.23
C GLY C 193 -43.55 31.60 -26.58
N VAL C 194 -43.66 31.88 -25.28
CA VAL C 194 -42.64 32.59 -24.54
C VAL C 194 -41.65 31.59 -23.95
N HIS C 195 -40.36 31.84 -24.17
CA HIS C 195 -39.25 31.02 -23.66
C HIS C 195 -38.23 32.01 -23.12
N THR C 196 -38.06 32.05 -21.81
CA THR C 196 -37.01 32.85 -21.20
C THR C 196 -35.83 31.93 -20.91
N PHE C 197 -34.72 32.23 -21.51
CA PHE C 197 -33.57 31.36 -21.31
C PHE C 197 -32.88 31.69 -19.98
N PRO C 198 -32.24 30.70 -19.35
CA PRO C 198 -31.42 31.01 -18.18
C PRO C 198 -30.25 31.93 -18.51
N ALA C 199 -29.83 32.68 -17.49
CA ALA C 199 -28.79 33.69 -17.64
C ALA C 199 -27.42 33.08 -17.83
N VAL C 200 -26.60 33.80 -18.54
CA VAL C 200 -25.18 33.52 -18.66
C VAL C 200 -24.49 34.39 -17.62
N LEU C 201 -23.44 33.87 -17.01
CA LEU C 201 -22.59 34.65 -16.13
C LEU C 201 -21.32 35.00 -16.90
N GLN C 202 -21.09 36.29 -17.11
CA GLN C 202 -20.00 36.70 -17.99
C GLN C 202 -18.71 36.87 -17.19
N SER C 203 -17.58 36.94 -17.94
CA SER C 203 -16.30 37.17 -17.31
C SER C 203 -16.28 38.52 -16.62
N SER C 204 -17.19 39.41 -17.04
CA SER C 204 -17.55 40.58 -16.25
C SER C 204 -17.76 40.27 -14.77
N GLY C 205 -18.42 39.15 -14.49
CA GLY C 205 -19.15 39.00 -13.24
C GLY C 205 -20.56 39.53 -13.30
N LEU C 206 -20.98 40.05 -14.45
CA LEU C 206 -22.35 40.46 -14.68
C LEU C 206 -23.08 39.36 -15.42
N TYR C 207 -24.38 39.32 -15.23
CA TYR C 207 -25.26 38.42 -15.96
C TYR C 207 -25.88 39.06 -17.20
N SER C 208 -26.40 38.19 -18.06
N SER C 208 -26.32 38.19 -18.12
CA SER C 208 -27.21 38.57 -19.21
CA SER C 208 -27.23 38.55 -19.21
C SER C 208 -28.12 37.40 -19.56
C SER C 208 -28.15 37.39 -19.51
N LEU C 209 -29.34 37.70 -19.98
CA LEU C 209 -30.27 36.66 -20.44
C LEU C 209 -31.13 37.22 -21.56
N SER C 210 -31.89 36.32 -22.19
CA SER C 210 -32.77 36.69 -23.28
C SER C 210 -34.12 36.00 -23.08
N SER C 211 -35.18 36.73 -23.42
CA SER C 211 -36.53 36.18 -23.48
C SER C 211 -37.03 36.38 -24.90
N VAL C 212 -37.64 35.33 -25.46
CA VAL C 212 -38.07 35.30 -26.87
C VAL C 212 -39.48 34.74 -26.97
N VAL C 213 -40.20 35.20 -27.98
CA VAL C 213 -41.53 34.69 -28.28
C VAL C 213 -41.61 34.48 -29.77
N THR C 214 -42.26 33.39 -30.16
CA THR C 214 -42.55 33.13 -31.56
C THR C 214 -43.94 33.66 -31.82
N VAL C 215 -44.11 34.35 -32.95
CA VAL C 215 -45.42 34.89 -33.32
C VAL C 215 -45.66 35.01 -34.82
N PRO C 216 -46.92 35.14 -35.24
CA PRO C 216 -47.22 35.19 -36.68
C PRO C 216 -46.60 36.41 -37.37
N SER C 217 -46.03 36.16 -38.55
CA SER C 217 -45.48 37.27 -39.32
C SER C 217 -46.56 38.28 -39.68
N SER C 218 -47.77 37.81 -40.02
CA SER C 218 -48.87 38.74 -40.26
C SER C 218 -49.15 39.61 -39.04
N SER C 219 -48.63 39.23 -37.86
CA SER C 219 -48.95 39.95 -36.63
C SER C 219 -48.31 41.34 -36.62
N LEU C 220 -47.20 41.51 -37.34
CA LEU C 220 -46.25 42.56 -36.98
C LEU C 220 -46.82 43.95 -37.23
N GLY C 221 -47.70 44.10 -38.22
CA GLY C 221 -48.22 45.41 -38.55
C GLY C 221 -49.32 45.89 -37.62
N THR C 222 -50.00 44.95 -36.96
CA THR C 222 -51.19 45.24 -36.17
C THR C 222 -51.03 45.02 -34.67
N GLN C 223 -50.17 44.10 -34.24
CA GLN C 223 -49.97 43.83 -32.83
C GLN C 223 -48.64 44.40 -32.36
N THR C 224 -48.66 45.05 -31.20
CA THR C 224 -47.42 45.47 -30.55
C THR C 224 -46.99 44.43 -29.53
N TYR C 225 -45.68 44.38 -29.31
CA TYR C 225 -45.05 43.36 -28.48
C TYR C 225 -44.06 44.06 -27.56
N ILE C 226 -44.32 44.00 -26.26
CA ILE C 226 -43.50 44.66 -25.26
C ILE C 226 -43.06 43.64 -24.23
N CYS C 227 -41.77 43.65 -23.91
CA CYS C 227 -41.26 42.82 -22.84
C CYS C 227 -41.15 43.68 -21.59
N ASN C 228 -41.70 43.17 -20.49
CA ASN C 228 -41.67 43.80 -19.18
C ASN C 228 -40.60 43.12 -18.33
N VAL C 229 -39.63 43.89 -17.86
CA VAL C 229 -38.44 43.34 -17.23
C VAL C 229 -38.37 43.92 -15.83
N ASN C 230 -38.47 43.04 -14.83
CA ASN C 230 -38.39 43.39 -13.40
C ASN C 230 -37.13 42.77 -12.81
N HIS C 231 -36.20 43.62 -12.38
CA HIS C 231 -35.04 43.24 -11.59
C HIS C 231 -35.19 43.83 -10.19
N LYS C 232 -35.76 43.06 -9.28
CA LYS C 232 -35.99 43.57 -7.93
C LYS C 232 -34.73 44.00 -7.21
N PRO C 233 -33.61 43.27 -7.26
CA PRO C 233 -32.43 43.71 -6.51
C PRO C 233 -32.10 45.18 -6.67
N SER C 234 -32.36 45.74 -7.86
CA SER C 234 -31.97 47.12 -8.15
C SER C 234 -33.18 48.02 -8.28
N ASN C 235 -34.37 47.57 -7.88
CA ASN C 235 -35.62 48.32 -8.09
C ASN C 235 -35.80 48.74 -9.55
N THR C 236 -35.48 47.86 -10.50
CA THR C 236 -35.52 48.20 -11.93
C THR C 236 -36.69 47.51 -12.62
N LYS C 237 -37.60 48.31 -13.18
CA LYS C 237 -38.70 47.79 -13.99
C LYS C 237 -38.67 48.52 -15.33
N VAL C 238 -38.54 47.76 -16.41
CA VAL C 238 -38.34 48.31 -17.73
C VAL C 238 -39.34 47.65 -18.68
N ASP C 239 -40.00 48.47 -19.50
CA ASP C 239 -40.74 48.00 -20.67
C ASP C 239 -40.00 48.41 -21.93
N LYS C 240 -39.91 47.49 -22.88
CA LYS C 240 -39.22 47.75 -24.14
C LYS C 240 -40.11 47.21 -25.25
N ARG C 241 -40.51 48.10 -26.17
CA ARG C 241 -41.26 47.73 -27.36
C ARG C 241 -40.33 47.07 -28.37
N VAL C 242 -40.75 45.95 -28.95
CA VAL C 242 -39.94 45.23 -29.92
C VAL C 242 -40.68 45.19 -31.26
N GLU C 243 -40.09 45.82 -32.27
CA GLU C 243 -40.68 45.80 -33.60
C GLU C 243 -39.63 45.55 -34.67
N PRO C 244 -40.03 45.44 -35.96
CA PRO C 244 -39.06 45.32 -37.06
C PRO C 244 -38.29 46.61 -37.36
N GLN D 20 0.71 21.35 -16.34
CA GLN D 20 0.44 22.70 -16.84
C GLN D 20 -0.98 22.85 -17.47
N SER D 21 -1.04 22.75 -18.80
CA SER D 21 -2.30 22.88 -19.52
C SER D 21 -3.26 21.73 -19.20
N ALA D 22 -4.55 22.05 -19.17
CA ALA D 22 -5.56 21.07 -18.80
C ALA D 22 -5.51 19.85 -19.73
N LEU D 23 -5.94 18.73 -19.19
CA LEU D 23 -6.10 17.50 -19.94
C LEU D 23 -7.39 17.52 -20.75
N THR D 24 -7.33 16.96 -21.94
CA THR D 24 -8.43 17.05 -22.89
C THR D 24 -9.37 15.88 -22.73
N GLN D 25 -10.66 16.19 -22.52
CA GLN D 25 -11.75 15.23 -22.56
C GLN D 25 -12.82 15.62 -23.58
N PRO D 26 -13.54 14.63 -24.12
CA PRO D 26 -14.78 14.92 -24.86
C PRO D 26 -15.74 15.72 -24.00
N ALA D 27 -16.46 16.67 -24.64
CA ALA D 27 -17.42 17.49 -23.91
C ALA D 27 -18.58 16.66 -23.38
N SER D 28 -18.97 15.62 -24.13
CA SER D 28 -20.17 14.86 -23.83
C SER D 28 -20.07 13.45 -24.39
N VAL D 29 -20.70 12.51 -23.66
CA VAL D 29 -20.89 11.13 -24.08
C VAL D 29 -22.30 10.77 -23.62
N SER D 30 -22.88 9.76 -24.25
CA SER D 30 -24.24 9.38 -23.92
C SER D 30 -24.45 7.90 -24.24
N GLY D 31 -25.35 7.28 -23.49
CA GLY D 31 -25.64 5.87 -23.61
C GLY D 31 -27.02 5.57 -23.05
N SER D 32 -27.54 4.46 -23.47
CA SER D 32 -28.82 4.01 -22.92
C SER D 32 -28.55 3.11 -21.73
N PRO D 33 -29.53 2.97 -20.85
CA PRO D 33 -29.34 2.14 -19.65
C PRO D 33 -28.84 0.76 -20.03
N GLY D 34 -27.81 0.30 -19.32
CA GLY D 34 -27.21 -0.99 -19.56
C GLY D 34 -26.10 -1.01 -20.60
N GLN D 35 -26.01 0.01 -21.44
CA GLN D 35 -24.91 0.12 -22.39
C GLN D 35 -23.63 0.46 -21.62
N SER D 36 -22.49 0.27 -22.29
CA SER D 36 -21.21 0.72 -21.78
C SER D 36 -20.76 1.95 -22.56
N ILE D 37 -20.09 2.88 -21.87
CA ILE D 37 -19.50 4.06 -22.48
C ILE D 37 -18.08 4.20 -21.96
N THR D 38 -17.26 4.89 -22.73
CA THR D 38 -15.88 5.15 -22.32
C THR D 38 -15.58 6.63 -22.51
N ILE D 39 -14.91 7.21 -21.52
CA ILE D 39 -14.52 8.62 -21.50
C ILE D 39 -12.99 8.69 -21.58
N SER D 40 -12.49 9.41 -22.58
CA SER D 40 -11.05 9.57 -22.73
C SER D 40 -10.55 10.87 -22.08
N CYS D 41 -9.24 10.91 -21.84
CA CYS D 41 -8.56 11.96 -21.09
C CYS D 41 -7.12 11.99 -21.57
N THR D 42 -6.75 13.00 -22.35
CA THR D 42 -5.49 13.01 -23.08
C THR D 42 -4.59 14.11 -22.56
N GLY D 43 -3.37 13.76 -22.26
CA GLY D 43 -2.44 14.72 -21.69
C GLY D 43 -1.14 14.69 -22.43
N THR D 44 -0.05 14.76 -21.67
CA THR D 44 1.27 14.86 -22.23
C THR D 44 2.22 13.96 -21.44
N SER D 45 3.47 13.92 -21.92
CA SER D 45 4.45 13.08 -21.27
C SER D 45 4.66 13.47 -19.81
N ASN D 46 4.51 14.76 -19.48
CA ASN D 46 4.81 15.12 -18.10
C ASN D 46 3.68 14.82 -17.13
N ASP D 47 2.56 14.30 -17.62
CA ASP D 47 1.51 13.83 -16.73
C ASP D 47 1.06 12.43 -17.10
N VAL D 48 0.06 12.32 -17.97
CA VAL D 48 -0.53 11.01 -18.29
C VAL D 48 0.50 10.07 -18.89
N GLY D 49 1.42 10.60 -19.70
CA GLY D 49 2.27 9.75 -20.53
C GLY D 49 3.34 8.98 -19.77
N ASP D 50 4.19 9.69 -19.03
CA ASP D 50 5.29 9.05 -18.32
C ASP D 50 4.90 8.46 -16.95
N TYR D 51 3.75 8.81 -16.39
CA TYR D 51 3.45 8.39 -15.03
C TYR D 51 2.07 7.74 -14.97
N ASP D 52 1.88 6.96 -13.93
CA ASP D 52 0.64 6.30 -13.62
C ASP D 52 -0.04 7.02 -12.47
N TYR D 53 -0.45 8.28 -12.71
CA TYR D 53 -0.94 9.16 -11.66
C TYR D 53 -2.34 9.67 -11.95
N VAL D 54 -3.13 8.96 -12.73
CA VAL D 54 -4.40 9.46 -13.23
C VAL D 54 -5.50 9.03 -12.27
N SER D 55 -6.44 9.93 -12.00
CA SER D 55 -7.58 9.61 -11.15
C SER D 55 -8.82 10.18 -11.82
N TRP D 56 -9.98 9.64 -11.43
CA TRP D 56 -11.24 10.03 -12.03
C TRP D 56 -12.25 10.39 -10.95
N TYR D 57 -13.07 11.38 -11.26
CA TYR D 57 -14.07 11.88 -10.33
C TYR D 57 -15.43 12.01 -10.98
N GLN D 58 -16.46 11.74 -10.19
CA GLN D 58 -17.84 11.93 -10.57
C GLN D 58 -18.39 13.15 -9.85
N LEU D 59 -18.95 14.10 -10.60
CA LEU D 59 -19.49 15.32 -10.02
C LEU D 59 -20.94 15.44 -10.41
N HIS D 60 -21.83 15.25 -9.44
CA HIS D 60 -23.23 15.63 -9.54
C HIS D 60 -23.39 17.08 -9.13
N PRO D 61 -24.21 17.85 -9.86
CA PRO D 61 -24.52 19.22 -9.44
C PRO D 61 -24.83 19.31 -7.95
N GLY D 62 -24.14 20.23 -7.28
CA GLY D 62 -24.43 20.50 -5.89
C GLY D 62 -23.99 19.44 -4.89
N LYS D 63 -23.06 18.56 -5.28
CA LYS D 63 -22.49 17.55 -4.39
C LYS D 63 -20.97 17.71 -4.36
N ALA D 64 -20.36 17.14 -3.34
CA ALA D 64 -18.92 17.01 -3.37
C ALA D 64 -18.54 16.12 -4.55
N PRO D 65 -17.42 16.39 -5.23
CA PRO D 65 -16.90 15.40 -6.19
C PRO D 65 -16.67 14.08 -5.50
N LYS D 66 -16.85 12.98 -6.24
CA LYS D 66 -16.63 11.64 -5.72
C LYS D 66 -15.50 10.93 -6.50
N LEU D 67 -14.51 10.42 -5.76
CA LEU D 67 -13.43 9.68 -6.38
C LEU D 67 -13.92 8.33 -6.86
N LEU D 68 -13.51 7.95 -8.06
CA LEU D 68 -13.88 6.69 -8.68
C LEU D 68 -12.71 5.74 -8.92
N ILE D 69 -11.57 6.25 -9.35
CA ILE D 69 -10.42 5.48 -9.80
C ILE D 69 -9.19 6.28 -9.41
N PHE D 70 -8.16 5.63 -8.83
CA PHE D 70 -6.89 6.31 -8.65
C PHE D 70 -5.76 5.48 -9.21
N ASP D 71 -4.61 6.12 -9.37
CA ASP D 71 -3.41 5.53 -9.96
C ASP D 71 -3.79 4.69 -11.19
N VAL D 72 -4.39 5.38 -12.16
CA VAL D 72 -4.82 4.85 -13.47
C VAL D 72 -5.96 3.84 -13.31
N SER D 73 -5.77 2.78 -12.50
CA SER D 73 -6.72 1.69 -12.55
C SER D 73 -7.29 1.20 -11.22
N ARG D 74 -6.92 1.77 -10.08
CA ARG D 74 -7.36 1.21 -8.80
C ARG D 74 -8.70 1.83 -8.40
N ARG D 75 -9.63 0.98 -7.94
CA ARG D 75 -10.94 1.44 -7.52
C ARG D 75 -10.96 1.50 -6.00
N PRO D 76 -11.28 2.63 -5.36
CA PRO D 76 -11.45 2.60 -3.90
C PRO D 76 -12.58 1.67 -3.47
N SER D 77 -12.50 1.24 -2.22
CA SER D 77 -13.56 0.44 -1.64
C SER D 77 -14.87 1.21 -1.68
N GLY D 78 -15.94 0.51 -2.02
CA GLY D 78 -17.20 1.21 -2.07
C GLY D 78 -17.52 1.86 -3.40
N VAL D 79 -16.63 1.76 -4.39
CA VAL D 79 -16.93 2.19 -5.75
C VAL D 79 -17.28 0.95 -6.57
N SER D 80 -18.35 1.06 -7.37
CA SER D 80 -18.90 -0.10 -8.05
C SER D 80 -17.93 -0.70 -9.08
N ASP D 81 -18.03 -2.03 -9.25
CA ASP D 81 -17.30 -2.78 -10.28
C ASP D 81 -17.49 -2.22 -11.68
N ARG D 82 -18.56 -1.48 -11.91
CA ARG D 82 -18.84 -1.00 -13.26
C ARG D 82 -17.83 0.04 -13.74
N PHE D 83 -17.09 0.70 -12.83
CA PHE D 83 -16.16 1.75 -13.20
C PHE D 83 -14.77 1.16 -13.31
N SER D 84 -14.12 1.36 -14.45
CA SER D 84 -12.77 0.87 -14.63
C SER D 84 -11.91 1.92 -15.34
N GLY D 85 -10.64 1.89 -15.00
CA GLY D 85 -9.68 2.86 -15.51
C GLY D 85 -8.58 2.15 -16.26
N SER D 86 -8.12 2.77 -17.35
CA SER D 86 -6.98 2.29 -18.12
C SER D 86 -6.23 3.48 -18.70
N LYS D 87 -5.08 3.16 -19.30
CA LYS D 87 -4.20 4.14 -19.91
C LYS D 87 -3.57 3.53 -21.16
N SER D 88 -3.43 4.34 -22.19
CA SER D 88 -2.68 3.90 -23.38
C SER D 88 -1.91 5.10 -23.91
N GLY D 89 -0.61 5.07 -23.68
CA GLY D 89 0.23 6.18 -24.08
C GLY D 89 -0.13 7.43 -23.34
N ASP D 90 -0.54 8.43 -24.12
CA ASP D 90 -0.86 9.74 -23.59
C ASP D 90 -2.32 9.85 -23.15
N THR D 91 -3.13 8.80 -23.33
CA THR D 91 -4.57 8.89 -23.10
C THR D 91 -5.05 7.88 -22.04
N ALA D 92 -5.49 8.41 -20.91
CA ALA D 92 -6.21 7.61 -19.93
C ALA D 92 -7.65 7.44 -20.39
N SER D 93 -8.25 6.32 -19.99
CA SER D 93 -9.63 6.06 -20.27
C SER D 93 -10.39 5.60 -19.04
N LEU D 94 -11.61 6.09 -18.92
CA LEU D 94 -12.56 5.62 -17.92
C LEU D 94 -13.72 4.93 -18.62
N THR D 95 -14.05 3.72 -18.19
CA THR D 95 -15.18 2.98 -18.77
C THR D 95 -16.26 2.77 -17.72
N ILE D 96 -17.50 2.98 -18.14
CA ILE D 96 -18.66 2.71 -17.29
C ILE D 96 -19.47 1.65 -17.98
N SER D 97 -19.55 0.48 -17.37
CA SER D 97 -20.34 -0.64 -17.83
C SER D 97 -21.71 -0.61 -17.20
N GLY D 98 -22.67 -1.20 -17.89
CA GLY D 98 -24.01 -1.27 -17.35
C GLY D 98 -24.55 0.06 -16.88
N LEU D 99 -24.58 1.03 -17.80
CA LEU D 99 -24.98 2.39 -17.46
C LEU D 99 -26.33 2.43 -16.75
N GLN D 100 -26.37 3.18 -15.66
CA GLN D 100 -27.56 3.31 -14.83
C GLN D 100 -27.91 4.78 -14.67
N ALA D 101 -29.19 5.04 -14.42
CA ALA D 101 -29.69 6.42 -14.37
C ALA D 101 -28.82 7.30 -13.49
N GLU D 102 -28.35 6.78 -12.36
CA GLU D 102 -27.58 7.54 -11.39
C GLU D 102 -26.21 7.92 -11.91
N ASP D 103 -25.78 7.38 -13.05
CA ASP D 103 -24.47 7.70 -13.63
C ASP D 103 -24.47 9.03 -14.38
N GLU D 104 -25.63 9.63 -14.61
CA GLU D 104 -25.69 10.92 -15.26
C GLU D 104 -25.06 11.96 -14.36
N ALA D 105 -23.95 12.52 -14.78
CA ALA D 105 -23.16 13.45 -13.98
C ALA D 105 -22.07 13.98 -14.91
N ASP D 106 -21.27 14.91 -14.40
CA ASP D 106 -20.04 15.32 -15.05
C ASP D 106 -18.89 14.50 -14.49
N TYR D 107 -17.92 14.19 -15.35
CA TYR D 107 -16.80 13.32 -15.04
C TYR D 107 -15.53 14.07 -15.41
N TYR D 108 -14.57 14.08 -14.45
CA TYR D 108 -13.29 14.75 -14.58
C TYR D 108 -12.14 13.77 -14.34
N CYS D 109 -11.07 13.93 -15.09
CA CYS D 109 -9.82 13.26 -14.76
C CYS D 109 -8.86 14.27 -14.16
N SER D 110 -7.85 13.71 -13.50
CA SER D 110 -6.79 14.48 -12.88
C SER D 110 -5.49 13.71 -13.08
N SER D 111 -4.38 14.42 -13.04
CA SER D 111 -3.12 13.73 -12.94
C SER D 111 -2.16 14.53 -12.06
N TYR D 112 -1.38 13.83 -11.24
CA TYR D 112 -0.18 14.44 -10.68
C TYR D 112 0.86 14.55 -11.80
N THR D 113 1.79 15.50 -11.66
CA THR D 113 2.70 15.77 -12.76
C THR D 113 4.16 15.62 -12.34
N GLY D 114 5.04 15.46 -13.34
CA GLY D 114 6.47 15.52 -13.14
C GLY D 114 6.97 16.87 -12.66
N SER D 115 6.11 17.89 -12.68
CA SER D 115 6.43 19.16 -12.04
C SER D 115 5.90 19.29 -10.61
N SER D 116 5.36 18.21 -10.02
CA SER D 116 4.88 18.24 -8.63
C SER D 116 3.70 19.19 -8.45
N THR D 117 2.78 19.14 -9.41
CA THR D 117 1.50 19.84 -9.40
C THR D 117 0.42 18.84 -9.77
N TYR D 118 -0.83 19.29 -9.70
CA TYR D 118 -1.98 18.53 -10.17
C TYR D 118 -2.64 19.34 -11.26
N VAL D 119 -3.17 18.66 -12.29
CA VAL D 119 -3.89 19.29 -13.38
C VAL D 119 -5.17 18.46 -13.57
N PHE D 120 -6.21 19.07 -14.15
CA PHE D 120 -7.50 18.42 -14.33
C PHE D 120 -7.91 18.43 -15.80
N GLY D 121 -8.82 17.52 -16.13
CA GLY D 121 -9.42 17.47 -17.43
C GLY D 121 -10.44 18.56 -17.56
N THR D 122 -10.97 18.69 -18.78
CA THR D 122 -11.95 19.71 -19.09
C THR D 122 -13.36 19.30 -18.69
N GLY D 123 -13.58 18.01 -18.39
CA GLY D 123 -14.87 17.54 -17.96
C GLY D 123 -15.72 16.97 -19.08
N THR D 124 -16.46 15.90 -18.77
CA THR D 124 -17.30 15.21 -19.73
C THR D 124 -18.68 15.08 -19.10
N LYS D 125 -19.72 15.63 -19.74
CA LYS D 125 -21.10 15.31 -19.36
C LYS D 125 -21.48 13.91 -19.86
N VAL D 126 -21.88 13.02 -18.95
CA VAL D 126 -22.44 11.73 -19.33
C VAL D 126 -23.95 11.82 -19.20
N SER D 127 -24.65 11.54 -20.28
CA SER D 127 -26.10 11.49 -20.31
C SER D 127 -26.52 10.04 -20.47
N VAL D 128 -27.46 9.62 -19.65
CA VAL D 128 -28.07 8.31 -19.71
C VAL D 128 -29.41 8.53 -20.37
N LEU D 129 -29.53 8.11 -21.62
CA LEU D 129 -30.67 8.47 -22.46
C LEU D 129 -31.96 7.91 -21.90
N SER D 130 -32.87 8.82 -21.56
CA SER D 130 -34.22 8.53 -21.13
C SER D 130 -35.30 9.11 -22.05
N GLN D 131 -34.93 9.69 -23.19
CA GLN D 131 -35.83 10.27 -24.18
C GLN D 131 -35.22 10.00 -25.53
N PRO D 132 -36.00 10.11 -26.62
CA PRO D 132 -35.40 10.17 -27.96
C PRO D 132 -34.44 11.35 -28.04
N LYS D 133 -33.35 11.12 -28.74
CA LYS D 133 -32.49 12.21 -29.17
C LYS D 133 -33.31 13.19 -30.00
N ALA D 134 -32.95 14.47 -29.89
CA ALA D 134 -33.67 15.59 -30.47
C ALA D 134 -32.66 16.64 -30.87
N ASN D 135 -32.79 17.16 -32.11
CA ASN D 135 -31.88 18.14 -32.67
C ASN D 135 -32.18 19.53 -32.13
N PRO D 136 -31.14 20.35 -31.97
CA PRO D 136 -31.35 21.72 -31.50
C PRO D 136 -31.95 22.65 -32.57
N THR D 137 -32.85 23.51 -32.13
CA THR D 137 -33.22 24.71 -32.86
C THR D 137 -32.25 25.82 -32.47
N VAL D 138 -31.73 26.54 -33.47
CA VAL D 138 -30.78 27.61 -33.25
C VAL D 138 -31.36 28.90 -33.81
N THR D 139 -31.38 29.95 -32.99
CA THR D 139 -31.84 31.27 -33.43
C THR D 139 -30.79 32.29 -33.06
N LEU D 140 -30.35 33.08 -34.05
CA LEU D 140 -29.24 34.01 -33.86
C LEU D 140 -29.68 35.44 -34.11
N PHE D 141 -29.46 36.32 -33.12
CA PHE D 141 -29.84 37.72 -33.31
C PHE D 141 -28.60 38.58 -33.45
N PRO D 142 -28.60 39.53 -34.39
CA PRO D 142 -27.50 40.50 -34.47
C PRO D 142 -27.64 41.55 -33.40
N PRO D 143 -26.64 42.41 -33.23
CA PRO D 143 -26.77 43.53 -32.28
C PRO D 143 -27.92 44.45 -32.68
N SER D 144 -28.69 44.92 -31.70
CA SER D 144 -29.76 45.88 -31.99
C SER D 144 -29.17 47.24 -32.35
N SER D 145 -29.93 48.02 -33.14
CA SER D 145 -29.49 49.39 -33.44
C SER D 145 -29.38 50.23 -32.17
N GLU D 146 -30.32 50.04 -31.24
CA GLU D 146 -30.25 50.76 -29.96
C GLU D 146 -28.99 50.38 -29.21
N GLU D 147 -28.60 49.09 -29.21
CA GLU D 147 -27.36 48.74 -28.52
C GLU D 147 -26.15 49.33 -29.23
N LEU D 148 -26.15 49.36 -30.56
CA LEU D 148 -25.00 49.92 -31.28
C LEU D 148 -24.91 51.43 -31.02
N GLN D 149 -26.07 52.10 -30.94
CA GLN D 149 -26.09 53.50 -30.51
C GLN D 149 -25.36 53.68 -29.18
N ALA D 150 -25.48 52.70 -28.27
CA ALA D 150 -24.80 52.72 -26.98
C ALA D 150 -23.34 52.30 -27.06
N ASN D 151 -22.81 52.15 -28.28
CA ASN D 151 -21.39 51.83 -28.52
C ASN D 151 -21.03 50.48 -27.93
N LYS D 152 -21.94 49.52 -28.07
CA LYS D 152 -21.72 48.14 -27.67
C LYS D 152 -22.40 47.26 -28.71
N ALA D 153 -22.05 45.97 -28.70
CA ALA D 153 -22.69 45.03 -29.62
C ALA D 153 -22.62 43.63 -29.04
N THR D 154 -23.74 42.91 -29.11
CA THR D 154 -23.87 41.56 -28.59
C THR D 154 -24.60 40.70 -29.61
N LEU D 155 -23.98 39.59 -29.99
CA LEU D 155 -24.65 38.57 -30.78
C LEU D 155 -25.25 37.55 -29.83
N VAL D 156 -26.50 37.15 -30.09
CA VAL D 156 -27.27 36.33 -29.17
C VAL D 156 -27.68 35.05 -29.90
N CYS D 157 -27.12 33.92 -29.47
CA CYS D 157 -27.32 32.60 -30.05
C CYS D 157 -28.16 31.76 -29.07
N LEU D 158 -29.39 31.46 -29.44
CA LEU D 158 -30.32 30.76 -28.56
C LEU D 158 -30.51 29.34 -29.09
N ILE D 159 -30.36 28.35 -28.22
CA ILE D 159 -30.38 26.95 -28.60
C ILE D 159 -31.45 26.27 -27.75
N SER D 160 -32.33 25.52 -28.40
CA SER D 160 -33.49 25.01 -27.71
C SER D 160 -33.94 23.68 -28.31
N ASP D 161 -34.75 22.99 -27.53
CA ASP D 161 -35.44 21.77 -27.92
C ASP D 161 -34.50 20.61 -28.23
N PHE D 162 -33.31 20.54 -27.64
CA PHE D 162 -32.40 19.44 -27.93
C PHE D 162 -32.29 18.41 -26.79
N TYR D 163 -31.83 17.21 -27.16
CA TYR D 163 -31.69 16.11 -26.20
C TYR D 163 -30.68 15.10 -26.72
N PRO D 164 -29.74 14.60 -25.87
CA PRO D 164 -29.56 14.94 -24.46
C PRO D 164 -29.06 16.38 -24.21
N GLY D 165 -28.94 16.76 -22.94
CA GLY D 165 -28.59 18.13 -22.64
C GLY D 165 -27.11 18.42 -22.61
N ALA D 166 -26.44 18.34 -23.76
CA ALA D 166 -25.03 18.72 -23.88
C ALA D 166 -24.79 19.28 -25.29
N VAL D 167 -24.14 20.44 -25.34
CA VAL D 167 -23.81 21.08 -26.61
C VAL D 167 -22.50 21.81 -26.40
N THR D 168 -21.74 21.99 -27.48
CA THR D 168 -20.67 22.96 -27.49
C THR D 168 -20.95 23.99 -28.59
N VAL D 169 -20.55 25.22 -28.34
CA VAL D 169 -20.80 26.32 -29.24
C VAL D 169 -19.47 26.91 -29.64
N ALA D 170 -19.27 27.05 -30.95
CA ALA D 170 -18.13 27.76 -31.52
C ALA D 170 -18.67 28.96 -32.29
N TRP D 171 -17.92 30.04 -32.28
CA TRP D 171 -18.26 31.24 -33.04
C TRP D 171 -17.19 31.51 -34.10
N LYS D 172 -17.63 32.08 -35.23
CA LYS D 172 -16.73 32.42 -36.32
C LYS D 172 -17.00 33.85 -36.81
N ALA D 173 -15.92 34.62 -36.95
CA ALA D 173 -15.93 35.92 -37.60
C ALA D 173 -15.49 35.67 -39.05
N ASP D 174 -16.39 35.93 -40.00
CA ASP D 174 -16.22 35.41 -41.35
C ASP D 174 -16.02 33.91 -41.20
N SER D 175 -14.84 33.40 -41.54
CA SER D 175 -14.59 31.96 -41.47
C SER D 175 -13.52 31.59 -40.43
N SER D 176 -13.11 32.52 -39.59
CA SER D 176 -12.05 32.28 -38.62
C SER D 176 -12.63 32.10 -37.21
N PRO D 177 -12.22 31.05 -36.51
CA PRO D 177 -12.66 30.87 -35.12
C PRO D 177 -12.36 32.09 -34.25
N VAL D 178 -13.31 32.48 -33.40
CA VAL D 178 -13.12 33.54 -32.43
C VAL D 178 -13.46 33.01 -31.03
N LYS D 179 -12.77 33.50 -29.99
CA LYS D 179 -13.05 32.99 -28.64
C LYS D 179 -13.13 34.09 -27.59
N ALA D 180 -12.42 35.18 -27.81
CA ALA D 180 -12.56 36.30 -26.91
C ALA D 180 -13.98 36.86 -27.02
N GLY D 181 -14.63 37.06 -25.87
CA GLY D 181 -15.97 37.61 -25.85
C GLY D 181 -17.09 36.60 -25.83
N VAL D 182 -16.77 35.31 -25.89
CA VAL D 182 -17.77 34.25 -25.89
C VAL D 182 -18.09 33.83 -24.46
N GLU D 183 -19.38 33.82 -24.14
CA GLU D 183 -19.90 33.24 -22.92
C GLU D 183 -21.05 32.34 -23.30
N THR D 184 -20.97 31.09 -22.89
CA THR D 184 -22.01 30.11 -23.12
C THR D 184 -22.53 29.58 -21.80
N THR D 185 -23.83 29.31 -21.76
CA THR D 185 -24.45 28.75 -20.58
C THR D 185 -24.32 27.23 -20.61
N THR D 186 -24.48 26.62 -19.44
CA THR D 186 -24.71 25.18 -19.39
C THR D 186 -26.17 24.89 -19.76
N PRO D 187 -26.47 23.71 -20.29
CA PRO D 187 -27.85 23.43 -20.71
C PRO D 187 -28.80 23.28 -19.52
N SER D 188 -30.01 23.82 -19.68
CA SER D 188 -31.05 23.75 -18.67
C SER D 188 -32.24 22.98 -19.24
N LYS D 189 -32.87 22.15 -18.42
CA LYS D 189 -34.01 21.38 -18.87
C LYS D 189 -35.25 22.26 -18.98
N GLN D 190 -36.01 22.05 -20.04
CA GLN D 190 -37.22 22.79 -20.33
C GLN D 190 -38.43 22.05 -19.75
N SER D 191 -39.61 22.62 -19.95
CA SER D 191 -40.83 21.96 -19.49
C SER D 191 -41.09 20.64 -20.21
N ASN D 192 -40.83 20.60 -21.53
CA ASN D 192 -41.03 19.40 -22.33
C ASN D 192 -39.92 18.37 -22.20
N ASN D 193 -38.87 18.65 -21.42
CA ASN D 193 -37.81 17.73 -21.06
C ASN D 193 -36.74 17.60 -22.14
N LYS D 194 -36.83 18.40 -23.19
CA LYS D 194 -35.63 18.72 -23.94
C LYS D 194 -34.89 19.81 -23.18
N TYR D 195 -33.82 20.33 -23.76
CA TYR D 195 -32.94 21.26 -23.06
C TYR D 195 -32.77 22.55 -23.84
N ALA D 196 -32.34 23.58 -23.11
CA ALA D 196 -32.05 24.88 -23.70
C ALA D 196 -30.69 25.37 -23.21
N ALA D 197 -30.07 26.19 -24.05
CA ALA D 197 -28.81 26.85 -23.74
C ALA D 197 -28.73 28.11 -24.58
N SER D 198 -27.77 28.95 -24.25
CA SER D 198 -27.57 30.18 -25.00
C SER D 198 -26.10 30.53 -25.00
N SER D 199 -25.67 31.19 -26.05
CA SER D 199 -24.32 31.73 -26.15
C SER D 199 -24.35 33.18 -26.63
N TYR D 200 -23.42 33.96 -26.10
CA TYR D 200 -23.34 35.39 -26.36
C TYR D 200 -21.93 35.76 -26.81
N LEU D 201 -21.86 36.58 -27.86
CA LEU D 201 -20.60 37.14 -28.33
C LEU D 201 -20.63 38.65 -28.13
N SER D 202 -19.75 39.16 -27.27
CA SER D 202 -19.59 40.59 -27.03
C SER D 202 -18.55 41.17 -27.98
N LEU D 203 -18.93 42.17 -28.75
CA LEU D 203 -18.07 42.79 -29.74
C LEU D 203 -18.16 44.32 -29.65
N THR D 204 -17.11 45.00 -30.08
CA THR D 204 -17.27 46.43 -30.35
C THR D 204 -18.09 46.64 -31.62
N PRO D 205 -18.76 47.78 -31.74
CA PRO D 205 -19.44 48.11 -33.01
C PRO D 205 -18.49 48.07 -34.21
N GLU D 206 -17.25 48.49 -33.98
CA GLU D 206 -16.22 48.44 -35.01
C GLU D 206 -15.87 47.00 -35.39
N GLN D 207 -15.76 46.08 -34.42
CA GLN D 207 -15.49 44.69 -34.77
C GLN D 207 -16.65 44.05 -35.53
N TRP D 208 -17.88 44.39 -35.12
CA TRP D 208 -19.09 43.95 -35.80
C TRP D 208 -19.11 44.45 -37.24
N LYS D 209 -18.87 45.75 -37.43
CA LYS D 209 -18.98 46.33 -38.75
C LYS D 209 -17.84 45.90 -39.67
N SER D 210 -16.80 45.26 -39.11
CA SER D 210 -15.54 45.06 -39.79
C SER D 210 -15.42 43.72 -40.49
N HIS D 211 -16.40 42.85 -40.30
CA HIS D 211 -16.41 41.54 -40.92
C HIS D 211 -17.64 41.42 -41.80
N ARG D 212 -17.52 40.61 -42.85
CA ARG D 212 -18.69 40.28 -43.65
C ARG D 212 -19.77 39.63 -42.80
N SER D 213 -19.40 38.81 -41.82
CA SER D 213 -20.44 38.13 -41.07
C SER D 213 -19.84 37.44 -39.85
N TYR D 214 -20.72 36.98 -38.97
CA TYR D 214 -20.40 36.14 -37.81
C TYR D 214 -21.32 34.94 -37.84
N SER D 215 -20.85 33.81 -37.30
CA SER D 215 -21.64 32.58 -37.26
C SER D 215 -21.59 31.94 -35.87
N CYS D 216 -22.70 31.32 -35.52
CA CYS D 216 -22.84 30.53 -34.30
C CYS D 216 -22.94 29.08 -34.75
N GLN D 217 -22.00 28.24 -34.33
CA GLN D 217 -21.96 26.83 -34.72
C GLN D 217 -22.25 26.01 -33.47
N VAL D 218 -23.38 25.30 -33.49
CA VAL D 218 -23.80 24.47 -32.40
C VAL D 218 -23.53 23.01 -32.76
N THR D 219 -22.79 22.32 -31.91
CA THR D 219 -22.53 20.90 -32.10
C THR D 219 -23.30 20.14 -31.02
N HIS D 220 -24.21 19.28 -31.49
CA HIS D 220 -25.02 18.42 -30.64
C HIS D 220 -24.90 16.99 -31.16
N GLU D 221 -24.43 16.08 -30.29
CA GLU D 221 -24.38 14.66 -30.60
C GLU D 221 -23.56 14.40 -31.87
N GLY D 222 -22.41 15.07 -31.95
CA GLY D 222 -21.47 14.86 -33.03
C GLY D 222 -21.80 15.47 -34.36
N SER D 223 -22.76 16.41 -34.45
CA SER D 223 -23.14 17.03 -35.71
C SER D 223 -23.48 18.51 -35.51
N THR D 224 -23.10 19.34 -36.48
CA THR D 224 -23.03 20.78 -36.29
C THR D 224 -24.09 21.47 -37.13
N VAL D 225 -24.82 22.41 -36.51
CA VAL D 225 -25.74 23.32 -37.17
C VAL D 225 -25.19 24.72 -36.98
N GLU D 226 -25.43 25.58 -37.97
CA GLU D 226 -24.80 26.90 -37.97
C GLU D 226 -25.83 27.93 -38.45
N LYS D 227 -25.80 29.10 -37.83
CA LYS D 227 -26.56 30.27 -38.28
C LYS D 227 -25.57 31.42 -38.41
N THR D 228 -25.90 32.35 -39.30
CA THR D 228 -25.00 33.43 -39.64
C THR D 228 -25.79 34.72 -39.63
N VAL D 229 -25.15 35.81 -39.18
CA VAL D 229 -25.71 37.16 -39.26
C VAL D 229 -24.62 38.10 -39.74
N ALA D 230 -25.04 39.25 -40.27
CA ALA D 230 -24.10 40.20 -40.90
C ALA D 230 -24.54 41.62 -40.65
N PRO D 231 -23.61 42.54 -40.39
CA PRO D 231 -23.97 43.97 -40.37
C PRO D 231 -24.58 44.31 -41.74
N THR D 232 -25.89 44.47 -41.79
CA THR D 232 -26.67 44.43 -43.04
C THR D 232 -27.95 43.62 -42.83
#